data_4YVF
#
_entry.id   4YVF
#
_cell.length_a   91.528
_cell.length_b   134.150
_cell.length_c   185.164
_cell.angle_alpha   90.00
_cell.angle_beta   90.00
_cell.angle_gamma   90.00
#
_symmetry.space_group_name_H-M   'C 2 2 21'
#
loop_
_entity.id
_entity.type
_entity.pdbx_description
1 polymer Adenosylhomocysteinase
2 non-polymer '1,4-DIHYDRONICOTINAMIDE ADENINE DINUCLEOTIDE'
3 non-polymer 2-{[5-chloro-2-(4-chlorophenoxy)phenyl](2-{[2-(methylamino)ethyl]amino}-2-oxoethyl)amino}-N-(1,3-dihydro-2H-isoindol-2-yl)-N-methylacetamide
4 water water
#
_entity_poly.entity_id   1
_entity_poly.type   'polypeptide(L)'
_entity_poly.pdbx_seq_one_letter_code
;MSDKLPYKVADIGLAAWGRKALDIAENEMPGLMRMRERYSASKPLKGARIAGCLHMTVETAVLIETLVTLGAEVQWSSCN
IFSTQDHAAAAIAKAGIPVYAWKGETDEEYLWCIEQTLYFKDGPLNMILDDGGDLTNLIHTKYPQLLPGIRGISEETTTG
VHNLYKMMANGILKVPAINVNDSVTKSKFDNLYGCRESLIDGIKRATDVMIAGKVAVVAGYGDVGKGCAQALRGFGARVI
ITEIDPINALQAAMEGYEVTTMDEACQEGNIFVTTTGCIDIILGRHFEQMKDDAIVCNIGHFDVEIDVKWLNENAVEKVN
IKPQVDRYRLKNGRRIILLAEGRLVNLGCAMGHPSFVMSNSFTNQVMAQIELWTHPDKYPVGVHFLPKKLDEAVAEAHLG
KLNVKLTKLTEKQAQYLGMSCDGPFKPDHYRY
;
_entity_poly.pdbx_strand_id   A,B
#
# COMPACT_ATOMS: atom_id res chain seq x y z
N LYS A 4 -32.89 -33.75 -15.92
CA LYS A 4 -31.85 -32.95 -15.20
C LYS A 4 -32.30 -32.60 -13.79
N LEU A 5 -31.38 -32.62 -12.83
CA LEU A 5 -31.72 -32.29 -11.45
C LEU A 5 -31.88 -30.78 -11.26
N PRO A 6 -32.88 -30.37 -10.47
CA PRO A 6 -33.13 -28.95 -10.22
C PRO A 6 -32.05 -28.40 -9.28
N TYR A 7 -31.37 -29.32 -8.60
CA TYR A 7 -30.30 -28.99 -7.67
C TYR A 7 -29.77 -30.30 -7.16
N LYS A 8 -28.86 -30.26 -6.19
CA LYS A 8 -28.27 -31.46 -5.63
C LYS A 8 -27.39 -31.07 -4.44
N VAL A 9 -27.95 -31.24 -3.25
CA VAL A 9 -27.25 -30.91 -2.01
C VAL A 9 -27.29 -32.08 -1.04
N ALA A 10 -26.41 -32.06 -0.04
CA ALA A 10 -26.32 -33.11 0.97
C ALA A 10 -27.67 -33.45 1.59
N ASP A 11 -28.28 -32.45 2.23
CA ASP A 11 -29.56 -32.61 2.90
C ASP A 11 -30.31 -31.28 2.85
N ILE A 12 -31.29 -31.20 1.97
CA ILE A 12 -32.07 -29.97 1.81
C ILE A 12 -32.91 -29.63 3.03
N GLY A 13 -32.87 -30.48 4.04
CA GLY A 13 -33.64 -30.23 5.24
C GLY A 13 -32.85 -29.35 6.19
N LEU A 14 -31.65 -28.97 5.75
CA LEU A 14 -30.78 -28.12 6.57
C LEU A 14 -31.05 -26.68 6.19
N ALA A 15 -32.02 -26.49 5.30
CA ALA A 15 -32.38 -25.16 4.81
C ALA A 15 -32.72 -24.14 5.90
N ALA A 16 -33.49 -24.53 6.91
CA ALA A 16 -33.88 -23.62 7.98
C ALA A 16 -32.62 -23.15 8.72
N TRP A 17 -31.80 -24.11 9.12
CA TRP A 17 -30.55 -23.80 9.81
C TRP A 17 -29.74 -22.85 8.93
N GLY A 18 -29.68 -23.16 7.64
CA GLY A 18 -28.94 -22.32 6.73
C GLY A 18 -29.52 -20.93 6.66
N ARG A 19 -30.85 -20.85 6.61
CA ARG A 19 -31.53 -19.56 6.52
C ARG A 19 -31.19 -18.67 7.73
N LYS A 20 -31.09 -19.27 8.90
CA LYS A 20 -30.78 -18.52 10.11
C LYS A 20 -29.35 -17.98 9.98
N ALA A 21 -28.44 -18.82 9.52
CA ALA A 21 -27.06 -18.41 9.36
C ALA A 21 -26.94 -17.24 8.39
N LEU A 22 -27.70 -17.30 7.30
CA LEU A 22 -27.68 -16.24 6.30
C LEU A 22 -28.22 -14.93 6.87
N ASP A 23 -29.26 -15.01 7.68
CA ASP A 23 -29.84 -13.82 8.26
C ASP A 23 -28.88 -13.15 9.23
N ILE A 24 -28.00 -13.97 9.83
CA ILE A 24 -27.01 -13.44 10.75
C ILE A 24 -25.84 -12.88 9.95
N ALA A 25 -25.53 -13.55 8.86
CA ALA A 25 -24.42 -13.14 8.00
C ALA A 25 -24.74 -11.85 7.26
N GLU A 26 -25.99 -11.70 6.85
CA GLU A 26 -26.40 -10.50 6.12
C GLU A 26 -26.02 -9.21 6.84
N ASN A 27 -26.11 -9.20 8.16
CA ASN A 27 -25.74 -8.00 8.90
C ASN A 27 -24.25 -7.71 8.80
N GLU A 28 -23.43 -8.75 8.63
CA GLU A 28 -21.98 -8.56 8.50
C GLU A 28 -21.54 -8.39 7.05
N MET A 29 -22.51 -8.42 6.12
CA MET A 29 -22.18 -8.25 4.71
C MET A 29 -22.99 -7.11 4.10
N PRO A 30 -22.77 -5.88 4.60
CA PRO A 30 -23.43 -4.65 4.18
C PRO A 30 -23.24 -4.29 2.72
N GLY A 31 -22.08 -4.62 2.17
CA GLY A 31 -21.80 -4.32 0.78
C GLY A 31 -22.74 -5.02 -0.16
N LEU A 32 -23.06 -6.27 0.14
CA LEU A 32 -23.97 -7.06 -0.69
C LEU A 32 -25.39 -6.55 -0.50
N MET A 33 -25.74 -6.28 0.75
CA MET A 33 -27.07 -5.78 1.09
C MET A 33 -27.32 -4.40 0.50
N ARG A 34 -26.26 -3.61 0.42
CA ARG A 34 -26.36 -2.26 -0.13
C ARG A 34 -26.67 -2.39 -1.63
N MET A 35 -26.10 -3.41 -2.25
CA MET A 35 -26.33 -3.64 -3.67
C MET A 35 -27.80 -3.98 -3.91
N ARG A 36 -28.36 -4.81 -3.03
CA ARG A 36 -29.76 -5.20 -3.17
C ARG A 36 -30.64 -3.97 -3.02
N GLU A 37 -30.35 -3.17 -2.00
CA GLU A 37 -31.12 -1.97 -1.74
C GLU A 37 -31.05 -1.02 -2.94
N ARG A 38 -29.91 -1.00 -3.62
CA ARG A 38 -29.76 -0.10 -4.77
C ARG A 38 -30.17 -0.67 -6.11
N TYR A 39 -30.28 -1.99 -6.22
CA TYR A 39 -30.61 -2.56 -7.52
C TYR A 39 -31.75 -3.56 -7.60
N SER A 40 -32.47 -3.78 -6.51
CA SER A 40 -33.56 -4.74 -6.58
C SER A 40 -34.65 -4.23 -7.52
N ALA A 41 -34.63 -2.93 -7.82
CA ALA A 41 -35.64 -2.35 -8.71
C ALA A 41 -35.17 -2.23 -10.16
N SER A 42 -34.03 -1.57 -10.36
CA SER A 42 -33.50 -1.38 -11.71
C SER A 42 -33.05 -2.71 -12.31
N LYS A 43 -32.79 -3.68 -11.45
CA LYS A 43 -32.34 -5.02 -11.87
C LYS A 43 -31.40 -4.96 -13.06
N PRO A 44 -30.16 -4.52 -12.82
CA PRO A 44 -29.09 -4.39 -13.81
C PRO A 44 -28.57 -5.72 -14.38
N LEU A 45 -28.92 -6.82 -13.72
CA LEU A 45 -28.47 -8.14 -14.17
C LEU A 45 -29.56 -8.90 -14.90
N LYS A 46 -30.68 -8.22 -15.16
CA LYS A 46 -31.79 -8.82 -15.87
C LYS A 46 -31.28 -9.41 -17.18
N GLY A 47 -31.64 -10.66 -17.45
CA GLY A 47 -31.22 -11.31 -18.69
C GLY A 47 -29.94 -12.08 -18.50
N ALA A 48 -29.27 -11.86 -17.37
CA ALA A 48 -28.02 -12.56 -17.08
C ALA A 48 -28.26 -13.97 -16.57
N ARG A 49 -27.45 -14.91 -17.07
CA ARG A 49 -27.53 -16.30 -16.65
C ARG A 49 -26.15 -16.59 -16.10
N ILE A 50 -25.96 -16.29 -14.83
CA ILE A 50 -24.68 -16.45 -14.15
C ILE A 50 -24.40 -17.83 -13.59
N ALA A 51 -23.40 -18.49 -14.15
CA ALA A 51 -22.99 -19.79 -13.66
C ALA A 51 -21.84 -19.46 -12.73
N GLY A 52 -21.96 -19.79 -11.46
CA GLY A 52 -20.92 -19.48 -10.51
C GLY A 52 -20.26 -20.72 -9.92
N CYS A 53 -18.95 -20.65 -9.73
CA CYS A 53 -18.17 -21.75 -9.16
C CYS A 53 -17.39 -21.18 -7.99
N LEU A 54 -17.99 -21.21 -6.81
CA LEU A 54 -17.38 -20.63 -5.62
C LEU A 54 -17.82 -21.37 -4.36
N HIS A 55 -16.86 -21.63 -3.47
CA HIS A 55 -17.12 -22.29 -2.19
C HIS A 55 -18.55 -22.03 -1.74
N MET A 56 -19.39 -23.05 -1.76
CA MET A 56 -20.78 -22.87 -1.35
C MET A 56 -20.89 -22.75 0.17
N THR A 57 -20.65 -21.53 0.66
CA THR A 57 -20.72 -21.23 2.10
C THR A 57 -21.85 -20.26 2.38
N VAL A 58 -22.05 -19.94 3.66
CA VAL A 58 -23.11 -19.02 4.05
C VAL A 58 -22.89 -17.68 3.38
N GLU A 59 -21.66 -17.17 3.47
CA GLU A 59 -21.31 -15.89 2.86
C GLU A 59 -21.62 -15.93 1.37
N THR A 60 -21.24 -17.04 0.73
CA THR A 60 -21.47 -17.20 -0.69
C THR A 60 -22.95 -17.20 -1.03
N ALA A 61 -23.75 -17.78 -0.13
CA ALA A 61 -25.18 -17.82 -0.32
C ALA A 61 -25.74 -16.39 -0.41
N VAL A 62 -25.22 -15.51 0.42
CA VAL A 62 -25.66 -14.13 0.43
C VAL A 62 -25.29 -13.49 -0.90
N LEU A 63 -24.16 -13.90 -1.46
CA LEU A 63 -23.73 -13.39 -2.75
C LEU A 63 -24.69 -13.88 -3.84
N ILE A 64 -25.06 -15.15 -3.76
CA ILE A 64 -25.98 -15.73 -4.74
C ILE A 64 -27.32 -15.02 -4.75
N GLU A 65 -27.91 -14.84 -3.57
CA GLU A 65 -29.19 -14.18 -3.50
C GLU A 65 -29.12 -12.70 -3.85
N THR A 66 -27.93 -12.13 -3.81
CA THR A 66 -27.76 -10.73 -4.16
C THR A 66 -27.87 -10.62 -5.68
N LEU A 67 -27.25 -11.57 -6.38
CA LEU A 67 -27.29 -11.60 -7.84
C LEU A 67 -28.71 -11.77 -8.37
N VAL A 68 -29.47 -12.68 -7.76
CA VAL A 68 -30.83 -12.90 -8.18
C VAL A 68 -31.66 -11.64 -7.96
N THR A 69 -31.46 -11.00 -6.82
CA THR A 69 -32.17 -9.76 -6.53
C THR A 69 -31.87 -8.73 -7.61
N LEU A 70 -30.66 -8.78 -8.16
CA LEU A 70 -30.28 -7.84 -9.20
C LEU A 70 -30.84 -8.22 -10.58
N GLY A 71 -31.73 -9.22 -10.59
CA GLY A 71 -32.36 -9.63 -11.84
C GLY A 71 -31.75 -10.78 -12.61
N ALA A 72 -30.69 -11.37 -12.10
CA ALA A 72 -30.04 -12.46 -12.80
C ALA A 72 -30.53 -13.87 -12.48
N GLU A 73 -30.36 -14.76 -13.46
CA GLU A 73 -30.69 -16.17 -13.34
C GLU A 73 -29.36 -16.74 -12.84
N VAL A 74 -29.38 -17.53 -11.78
CA VAL A 74 -28.15 -18.07 -11.21
C VAL A 74 -28.14 -19.58 -10.93
N GLN A 75 -27.07 -20.25 -11.37
CA GLN A 75 -26.88 -21.68 -11.13
C GLN A 75 -25.51 -21.78 -10.49
N TRP A 76 -25.38 -22.59 -9.45
CA TRP A 76 -24.14 -22.66 -8.70
C TRP A 76 -23.51 -24.01 -8.37
N SER A 77 -22.20 -23.97 -8.13
CA SER A 77 -21.41 -25.12 -7.73
C SER A 77 -20.23 -24.60 -6.89
N SER A 78 -19.73 -25.42 -5.97
CA SER A 78 -18.62 -24.99 -5.15
C SER A 78 -17.37 -25.03 -6.04
N CYS A 79 -16.25 -24.51 -5.57
CA CYS A 79 -15.02 -24.54 -6.34
C CYS A 79 -14.02 -25.41 -5.58
N ASN A 80 -14.52 -26.07 -4.54
CA ASN A 80 -13.74 -26.95 -3.71
C ASN A 80 -14.65 -28.05 -3.18
N ILE A 81 -14.17 -29.29 -3.19
CA ILE A 81 -14.96 -30.45 -2.74
C ILE A 81 -15.27 -30.53 -1.24
N PHE A 82 -14.72 -29.62 -0.45
CA PHE A 82 -14.97 -29.64 1.00
C PHE A 82 -15.43 -28.30 1.55
N SER A 83 -15.36 -27.25 0.74
CA SER A 83 -15.74 -25.92 1.19
C SER A 83 -17.23 -25.70 1.44
N THR A 84 -18.07 -26.51 0.82
CA THR A 84 -19.51 -26.37 0.98
C THR A 84 -20.02 -26.57 2.40
N GLN A 85 -20.86 -25.65 2.85
CA GLN A 85 -21.49 -25.72 4.16
C GLN A 85 -22.92 -26.15 3.80
N ASP A 86 -23.18 -27.45 3.92
CA ASP A 86 -24.47 -28.02 3.55
C ASP A 86 -25.75 -27.25 3.93
N HIS A 87 -25.81 -26.67 5.12
CA HIS A 87 -27.01 -25.93 5.50
C HIS A 87 -27.15 -24.66 4.65
N ALA A 88 -26.02 -24.19 4.10
CA ALA A 88 -26.03 -23.01 3.25
C ALA A 88 -26.49 -23.42 1.87
N ALA A 89 -25.97 -24.56 1.40
CA ALA A 89 -26.34 -25.09 0.09
C ALA A 89 -27.84 -25.41 0.09
N ALA A 90 -28.32 -26.02 1.16
CA ALA A 90 -29.73 -26.36 1.28
C ALA A 90 -30.60 -25.11 1.11
N ALA A 91 -30.32 -24.10 1.92
CA ALA A 91 -31.06 -22.83 1.88
C ALA A 91 -31.21 -22.32 0.45
N ILE A 92 -30.11 -22.30 -0.28
CA ILE A 92 -30.12 -21.84 -1.67
C ILE A 92 -30.98 -22.77 -2.53
N ALA A 93 -30.83 -24.07 -2.33
CA ALA A 93 -31.60 -25.04 -3.11
C ALA A 93 -33.08 -24.81 -2.82
N LYS A 94 -33.41 -24.73 -1.54
CA LYS A 94 -34.79 -24.52 -1.10
C LYS A 94 -35.38 -23.24 -1.67
N ALA A 95 -34.54 -22.24 -1.94
CA ALA A 95 -35.01 -20.97 -2.49
C ALA A 95 -35.38 -21.06 -3.96
N GLY A 96 -35.03 -22.18 -4.60
CA GLY A 96 -35.35 -22.35 -6.01
C GLY A 96 -34.19 -22.02 -6.94
N ILE A 97 -32.99 -21.95 -6.38
CA ILE A 97 -31.80 -21.65 -7.15
C ILE A 97 -31.00 -22.93 -7.32
N PRO A 98 -30.79 -23.35 -8.58
CA PRO A 98 -30.03 -24.56 -8.88
C PRO A 98 -28.62 -24.55 -8.30
N VAL A 99 -28.42 -25.30 -7.21
CA VAL A 99 -27.11 -25.38 -6.60
C VAL A 99 -26.72 -26.84 -6.49
N TYR A 100 -25.53 -27.17 -6.97
CA TYR A 100 -25.06 -28.54 -6.92
C TYR A 100 -23.76 -28.59 -6.14
N ALA A 101 -23.87 -28.83 -4.84
CA ALA A 101 -22.71 -28.87 -3.98
C ALA A 101 -23.00 -29.46 -2.63
N TRP A 102 -21.97 -30.04 -2.02
CA TRP A 102 -22.08 -30.65 -0.71
C TRP A 102 -20.69 -30.97 -0.22
N LYS A 103 -20.48 -30.92 1.09
CA LYS A 103 -19.18 -31.23 1.65
C LYS A 103 -18.83 -32.69 1.35
N GLY A 104 -17.59 -32.92 0.92
CA GLY A 104 -17.15 -34.27 0.64
C GLY A 104 -17.45 -34.82 -0.74
N GLU A 105 -17.23 -34.01 -1.78
CA GLU A 105 -17.47 -34.47 -3.13
C GLU A 105 -16.23 -35.20 -3.64
N THR A 106 -16.40 -36.02 -4.66
CA THR A 106 -15.29 -36.74 -5.26
C THR A 106 -14.93 -35.89 -6.47
N ASP A 107 -13.75 -36.13 -7.04
CA ASP A 107 -13.32 -35.37 -8.20
C ASP A 107 -14.35 -35.44 -9.31
N GLU A 108 -14.93 -36.61 -9.53
CA GLU A 108 -15.93 -36.76 -10.58
C GLU A 108 -17.18 -35.94 -10.28
N GLU A 109 -17.67 -36.04 -9.05
CA GLU A 109 -18.87 -35.30 -8.66
C GLU A 109 -18.59 -33.82 -8.78
N TYR A 110 -17.43 -33.41 -8.29
CA TYR A 110 -17.01 -32.02 -8.33
C TYR A 110 -17.13 -31.51 -9.77
N LEU A 111 -16.54 -32.25 -10.69
CA LEU A 111 -16.58 -31.88 -12.10
C LEU A 111 -18.03 -31.85 -12.59
N TRP A 112 -18.80 -32.86 -12.20
CA TRP A 112 -20.20 -33.00 -12.57
C TRP A 112 -21.04 -31.81 -12.09
N CYS A 113 -20.78 -31.38 -10.86
CA CYS A 113 -21.51 -30.25 -10.29
C CYS A 113 -21.36 -28.99 -11.13
N ILE A 114 -20.14 -28.72 -11.59
CA ILE A 114 -19.90 -27.54 -12.41
C ILE A 114 -20.64 -27.64 -13.75
N GLU A 115 -20.75 -28.86 -14.27
CA GLU A 115 -21.42 -29.06 -15.55
C GLU A 115 -22.91 -28.85 -15.45
N GLN A 116 -23.48 -29.13 -14.28
CA GLN A 116 -24.92 -28.96 -14.08
C GLN A 116 -25.35 -27.49 -14.16
N THR A 117 -24.41 -26.59 -13.89
CA THR A 117 -24.70 -25.16 -13.89
C THR A 117 -24.59 -24.49 -15.26
N LEU A 118 -24.06 -25.22 -16.25
CA LEU A 118 -23.87 -24.65 -17.59
C LEU A 118 -25.14 -24.26 -18.38
N TYR A 119 -26.16 -25.11 -18.35
CA TYR A 119 -27.40 -24.79 -19.08
C TYR A 119 -28.54 -24.40 -18.16
N PHE A 120 -29.21 -23.31 -18.50
CA PHE A 120 -30.35 -22.80 -17.71
C PHE A 120 -31.66 -23.13 -18.40
N LYS A 121 -32.75 -22.87 -17.70
CA LYS A 121 -34.08 -23.13 -18.22
C LYS A 121 -34.28 -22.73 -19.69
N ASP A 122 -33.70 -21.61 -20.10
CA ASP A 122 -33.89 -21.15 -21.48
C ASP A 122 -32.62 -21.03 -22.31
N GLY A 123 -31.54 -21.65 -21.83
CA GLY A 123 -30.31 -21.57 -22.59
C GLY A 123 -29.08 -21.72 -21.71
N PRO A 124 -27.89 -21.70 -22.32
CA PRO A 124 -26.61 -21.82 -21.63
C PRO A 124 -26.26 -20.53 -20.87
N LEU A 125 -25.30 -20.62 -19.97
CA LEU A 125 -24.88 -19.44 -19.23
C LEU A 125 -24.44 -18.35 -20.21
N ASN A 126 -24.40 -17.12 -19.73
CA ASN A 126 -23.95 -16.01 -20.57
C ASN A 126 -23.01 -15.13 -19.73
N MET A 127 -22.69 -15.61 -18.54
CA MET A 127 -21.80 -14.91 -17.62
C MET A 127 -21.07 -15.91 -16.73
N ILE A 128 -19.80 -15.66 -16.46
CA ILE A 128 -19.02 -16.53 -15.61
C ILE A 128 -18.48 -15.82 -14.37
N LEU A 129 -18.87 -16.31 -13.20
CA LEU A 129 -18.41 -15.77 -11.92
C LEU A 129 -17.58 -16.91 -11.36
N ASP A 130 -16.26 -16.79 -11.51
CA ASP A 130 -15.34 -17.82 -11.09
C ASP A 130 -14.45 -17.47 -9.91
N ASP A 131 -13.94 -18.52 -9.29
CA ASP A 131 -13.03 -18.42 -8.15
C ASP A 131 -12.12 -19.64 -8.28
N GLY A 132 -10.97 -19.46 -8.92
CA GLY A 132 -10.06 -20.56 -9.09
C GLY A 132 -9.85 -20.89 -10.56
N GLY A 133 -10.77 -20.45 -11.40
CA GLY A 133 -10.65 -20.72 -12.82
C GLY A 133 -11.22 -22.02 -13.36
N ASP A 134 -11.64 -22.93 -12.48
CA ASP A 134 -12.19 -24.21 -12.93
C ASP A 134 -13.33 -24.06 -13.92
N LEU A 135 -14.33 -23.26 -13.55
CA LEU A 135 -15.47 -23.05 -14.42
C LEU A 135 -15.00 -22.48 -15.74
N THR A 136 -14.03 -21.57 -15.69
CA THR A 136 -13.51 -20.96 -16.89
C THR A 136 -12.76 -21.96 -17.77
N ASN A 137 -11.99 -22.87 -17.15
CA ASN A 137 -11.24 -23.87 -17.91
C ASN A 137 -12.17 -24.94 -18.48
N LEU A 138 -13.17 -25.35 -17.70
CA LEU A 138 -14.12 -26.36 -18.15
C LEU A 138 -14.79 -25.92 -19.44
N ILE A 139 -15.22 -24.66 -19.48
CA ILE A 139 -15.89 -24.12 -20.66
C ILE A 139 -14.93 -24.03 -21.85
N HIS A 140 -13.76 -23.44 -21.62
CA HIS A 140 -12.79 -23.27 -22.69
C HIS A 140 -12.22 -24.58 -23.21
N THR A 141 -12.09 -25.55 -22.32
CA THR A 141 -11.55 -26.85 -22.69
C THR A 141 -12.59 -27.84 -23.18
N LYS A 142 -13.69 -27.97 -22.45
CA LYS A 142 -14.71 -28.94 -22.81
C LYS A 142 -15.98 -28.40 -23.47
N TYR A 143 -16.27 -27.12 -23.29
CA TYR A 143 -17.47 -26.54 -23.87
C TYR A 143 -17.24 -25.25 -24.64
N PRO A 144 -16.21 -25.21 -25.49
CA PRO A 144 -15.92 -24.00 -26.25
C PRO A 144 -17.12 -23.52 -27.07
N GLN A 145 -18.03 -24.44 -27.40
CA GLN A 145 -19.21 -24.08 -28.17
C GLN A 145 -20.02 -23.01 -27.46
N LEU A 146 -19.81 -22.87 -26.16
CA LEU A 146 -20.55 -21.90 -25.39
C LEU A 146 -19.86 -20.55 -25.21
N LEU A 147 -18.57 -20.48 -25.51
CA LEU A 147 -17.83 -19.22 -25.36
C LEU A 147 -18.49 -18.02 -26.05
N PRO A 148 -18.76 -18.13 -27.36
CA PRO A 148 -19.38 -16.98 -28.03
C PRO A 148 -20.67 -16.45 -27.40
N GLY A 149 -21.37 -17.30 -26.64
CA GLY A 149 -22.60 -16.85 -26.01
C GLY A 149 -22.36 -16.29 -24.62
N ILE A 150 -21.12 -16.35 -24.15
CA ILE A 150 -20.77 -15.84 -22.83
C ILE A 150 -20.21 -14.42 -22.95
N ARG A 151 -20.87 -13.50 -22.26
CA ARG A 151 -20.50 -12.08 -22.31
C ARG A 151 -19.36 -11.63 -21.39
N GLY A 152 -19.06 -12.40 -20.35
CA GLY A 152 -17.99 -11.99 -19.46
C GLY A 152 -17.61 -12.97 -18.36
N ILE A 153 -16.45 -12.73 -17.76
CA ILE A 153 -15.93 -13.56 -16.70
C ILE A 153 -15.36 -12.69 -15.59
N SER A 154 -15.71 -13.01 -14.35
CA SER A 154 -15.16 -12.27 -13.22
C SER A 154 -14.39 -13.33 -12.44
N GLU A 155 -13.15 -13.00 -12.06
CA GLU A 155 -12.29 -13.91 -11.31
C GLU A 155 -11.72 -13.19 -10.10
N GLU A 156 -11.70 -13.84 -8.94
CA GLU A 156 -11.18 -13.20 -7.73
C GLU A 156 -9.98 -13.86 -7.07
N THR A 157 -9.32 -14.79 -7.76
CA THR A 157 -8.17 -15.45 -7.16
C THR A 157 -6.90 -15.26 -7.95
N THR A 158 -5.78 -15.47 -7.27
CA THR A 158 -4.48 -15.34 -7.90
C THR A 158 -4.38 -16.43 -8.97
N THR A 159 -4.64 -17.67 -8.59
CA THR A 159 -4.60 -18.78 -9.53
C THR A 159 -5.43 -18.48 -10.77
N GLY A 160 -6.70 -18.16 -10.55
CA GLY A 160 -7.58 -17.84 -11.67
C GLY A 160 -7.01 -16.78 -12.60
N VAL A 161 -6.55 -15.66 -12.03
CA VAL A 161 -6.00 -14.58 -12.83
C VAL A 161 -4.72 -15.00 -13.55
N HIS A 162 -3.86 -15.74 -12.86
CA HIS A 162 -2.63 -16.22 -13.47
C HIS A 162 -3.01 -17.09 -14.66
N ASN A 163 -4.03 -17.91 -14.46
CA ASN A 163 -4.52 -18.80 -15.51
C ASN A 163 -5.08 -18.03 -16.70
N LEU A 164 -5.88 -17.00 -16.44
CA LEU A 164 -6.46 -16.19 -17.50
C LEU A 164 -5.39 -15.51 -18.34
N TYR A 165 -4.27 -15.19 -17.70
CA TYR A 165 -3.16 -14.55 -18.38
C TYR A 165 -2.47 -15.53 -19.32
N LYS A 166 -2.33 -16.78 -18.89
CA LYS A 166 -1.72 -17.79 -19.75
C LYS A 166 -2.65 -18.01 -20.94
N MET A 167 -3.95 -18.15 -20.66
CA MET A 167 -4.92 -18.34 -21.72
C MET A 167 -4.86 -17.20 -22.74
N MET A 168 -4.79 -15.96 -22.24
CA MET A 168 -4.73 -14.81 -23.13
C MET A 168 -3.40 -14.80 -23.88
N ALA A 169 -2.34 -15.25 -23.22
CA ALA A 169 -1.01 -15.29 -23.83
C ALA A 169 -0.97 -16.35 -24.92
N ASN A 170 -1.82 -17.36 -24.80
CA ASN A 170 -1.86 -18.45 -25.77
C ASN A 170 -3.03 -18.32 -26.75
N GLY A 171 -3.72 -17.19 -26.73
CA GLY A 171 -4.83 -17.00 -27.64
C GLY A 171 -6.01 -17.93 -27.37
N ILE A 172 -6.03 -18.50 -26.16
CA ILE A 172 -7.09 -19.41 -25.76
C ILE A 172 -8.33 -18.69 -25.22
N LEU A 173 -8.11 -17.62 -24.46
CA LEU A 173 -9.21 -16.86 -23.89
C LEU A 173 -10.09 -16.27 -24.98
N LYS A 174 -11.40 -16.47 -24.85
CA LYS A 174 -12.36 -15.98 -25.85
C LYS A 174 -13.41 -15.06 -25.24
N VAL A 175 -13.35 -14.88 -23.93
CA VAL A 175 -14.30 -14.03 -23.24
C VAL A 175 -13.58 -12.96 -22.44
N PRO A 176 -14.16 -11.75 -22.39
CA PRO A 176 -13.48 -10.70 -21.62
C PRO A 176 -13.56 -11.09 -20.13
N ALA A 177 -12.46 -10.89 -19.40
CA ALA A 177 -12.44 -11.23 -17.99
C ALA A 177 -12.02 -10.04 -17.15
N ILE A 178 -12.75 -9.82 -16.07
CA ILE A 178 -12.43 -8.73 -15.15
C ILE A 178 -11.81 -9.39 -13.92
N ASN A 179 -10.61 -8.95 -13.59
CA ASN A 179 -9.89 -9.48 -12.43
C ASN A 179 -10.16 -8.60 -11.22
N VAL A 180 -10.82 -9.17 -10.21
CA VAL A 180 -11.09 -8.42 -8.99
C VAL A 180 -10.15 -8.89 -7.90
N ASN A 181 -9.25 -9.80 -8.24
CA ASN A 181 -8.30 -10.28 -7.25
C ASN A 181 -7.42 -9.11 -6.78
N ASP A 182 -7.01 -8.28 -7.75
CA ASP A 182 -6.15 -7.14 -7.47
C ASP A 182 -6.83 -5.81 -7.12
N SER A 183 -8.12 -5.84 -6.81
CA SER A 183 -8.78 -4.60 -6.43
C SER A 183 -8.34 -4.39 -4.98
N VAL A 184 -8.29 -3.14 -4.54
CA VAL A 184 -7.86 -2.86 -3.18
C VAL A 184 -8.81 -3.44 -2.12
N THR A 185 -10.11 -3.23 -2.30
CA THR A 185 -11.08 -3.74 -1.33
C THR A 185 -11.02 -5.26 -1.21
N LYS A 186 -10.76 -5.93 -2.32
CA LYS A 186 -10.69 -7.38 -2.30
C LYS A 186 -9.39 -7.83 -1.62
N SER A 187 -8.25 -7.40 -2.15
CA SER A 187 -6.95 -7.79 -1.62
C SER A 187 -6.73 -7.44 -0.15
N LYS A 188 -7.06 -6.23 0.25
CA LYS A 188 -6.85 -5.83 1.64
C LYS A 188 -7.59 -6.72 2.62
N PHE A 189 -8.85 -7.02 2.33
CA PHE A 189 -9.63 -7.84 3.24
C PHE A 189 -9.28 -9.31 3.14
N ASP A 190 -9.16 -9.80 1.91
CA ASP A 190 -8.83 -11.20 1.69
C ASP A 190 -7.44 -11.58 2.21
N ASN A 191 -6.48 -10.64 2.14
CA ASN A 191 -5.13 -10.94 2.59
C ASN A 191 -4.77 -10.42 3.99
N LEU A 192 -4.79 -9.11 4.16
CA LEU A 192 -4.42 -8.50 5.44
C LEU A 192 -5.44 -8.64 6.56
N TYR A 193 -6.57 -7.93 6.43
CA TYR A 193 -7.61 -7.97 7.45
C TYR A 193 -8.14 -9.35 7.76
N GLY A 194 -8.46 -10.11 6.72
CA GLY A 194 -8.98 -11.46 6.90
C GLY A 194 -8.08 -12.30 7.78
N CYS A 195 -6.80 -12.36 7.43
CA CYS A 195 -5.85 -13.15 8.20
C CYS A 195 -5.51 -12.56 9.55
N ARG A 196 -5.64 -11.25 9.69
CA ARG A 196 -5.35 -10.60 10.95
C ARG A 196 -6.41 -11.00 11.97
N GLU A 197 -7.60 -11.27 11.48
CA GLU A 197 -8.75 -11.66 12.29
C GLU A 197 -8.75 -13.12 12.70
N SER A 198 -8.20 -13.96 11.83
CA SER A 198 -8.23 -15.40 12.10
C SER A 198 -7.01 -16.10 12.64
N LEU A 199 -5.81 -15.58 12.37
CA LEU A 199 -4.60 -16.25 12.84
C LEU A 199 -4.66 -16.67 14.32
N ILE A 200 -4.74 -15.69 15.22
CA ILE A 200 -4.79 -15.98 16.65
C ILE A 200 -5.99 -16.86 16.97
N ASP A 201 -7.02 -16.75 16.15
CA ASP A 201 -8.24 -17.53 16.35
C ASP A 201 -7.95 -19.00 16.10
N GLY A 202 -7.23 -19.28 15.02
CA GLY A 202 -6.88 -20.64 14.69
C GLY A 202 -5.92 -21.22 15.72
N ILE A 203 -4.94 -20.43 16.12
CA ILE A 203 -3.94 -20.87 17.10
C ILE A 203 -4.53 -21.13 18.49
N LYS A 204 -5.49 -20.32 18.90
CA LYS A 204 -6.13 -20.46 20.20
C LYS A 204 -7.02 -21.70 20.28
N ARG A 205 -7.87 -21.88 19.28
CA ARG A 205 -8.78 -23.02 19.24
C ARG A 205 -8.02 -24.33 19.19
N ALA A 206 -6.81 -24.26 18.67
CA ALA A 206 -5.97 -25.44 18.54
C ALA A 206 -5.13 -25.71 19.78
N THR A 207 -4.71 -24.65 20.48
CA THR A 207 -3.85 -24.84 21.63
C THR A 207 -4.22 -24.04 22.86
N ASP A 208 -5.00 -22.98 22.68
CA ASP A 208 -5.40 -22.13 23.79
C ASP A 208 -4.17 -21.59 24.49
N VAL A 209 -3.05 -21.56 23.79
CA VAL A 209 -1.81 -21.09 24.36
C VAL A 209 -1.82 -19.58 24.58
N MET A 210 -1.04 -19.12 25.55
CA MET A 210 -0.94 -17.69 25.81
C MET A 210 -0.01 -17.10 24.76
N ILE A 211 -0.49 -16.06 24.08
CA ILE A 211 0.28 -15.39 23.03
C ILE A 211 1.31 -14.43 23.62
N ALA A 212 0.86 -13.55 24.51
CA ALA A 212 1.74 -12.57 25.11
C ALA A 212 2.98 -13.25 25.65
N GLY A 213 4.12 -12.57 25.52
CA GLY A 213 5.37 -13.12 26.02
C GLY A 213 6.04 -14.12 25.12
N LYS A 214 5.38 -14.52 24.06
CA LYS A 214 5.98 -15.49 23.16
C LYS A 214 6.61 -14.82 21.95
N VAL A 215 7.58 -15.50 21.37
CA VAL A 215 8.25 -15.01 20.19
C VAL A 215 7.55 -15.69 19.02
N ALA A 216 6.94 -14.89 18.16
CA ALA A 216 6.25 -15.42 17.01
C ALA A 216 7.04 -15.05 15.78
N VAL A 217 7.52 -16.04 15.05
CA VAL A 217 8.28 -15.77 13.85
C VAL A 217 7.30 -15.86 12.69
N VAL A 218 7.21 -14.78 11.93
CA VAL A 218 6.30 -14.72 10.80
C VAL A 218 7.10 -14.62 9.51
N ALA A 219 7.16 -15.72 8.78
CA ALA A 219 7.89 -15.76 7.52
C ALA A 219 7.08 -15.00 6.48
N GLY A 220 7.66 -13.92 5.96
CA GLY A 220 6.96 -13.12 4.96
C GLY A 220 6.29 -11.90 5.57
N TYR A 221 6.33 -10.80 4.83
CA TYR A 221 5.72 -9.57 5.31
C TYR A 221 4.92 -8.90 4.20
N GLY A 222 4.13 -9.71 3.50
CA GLY A 222 3.27 -9.17 2.46
C GLY A 222 2.00 -8.77 3.19
N ASP A 223 0.85 -8.84 2.52
CA ASP A 223 -0.37 -8.46 3.22
C ASP A 223 -0.75 -9.47 4.29
N VAL A 224 -0.60 -10.75 3.98
CA VAL A 224 -0.91 -11.80 4.93
C VAL A 224 0.03 -11.68 6.10
N GLY A 225 1.34 -11.61 5.80
CA GLY A 225 2.34 -11.47 6.84
C GLY A 225 2.13 -10.23 7.69
N LYS A 226 1.79 -9.12 7.04
CA LYS A 226 1.56 -7.87 7.76
C LYS A 226 0.45 -8.03 8.78
N GLY A 227 -0.67 -8.58 8.33
CA GLY A 227 -1.80 -8.77 9.22
C GLY A 227 -1.52 -9.73 10.37
N CYS A 228 -0.76 -10.79 10.09
CA CYS A 228 -0.42 -11.78 11.12
C CYS A 228 0.44 -11.13 12.17
N ALA A 229 1.45 -10.41 11.71
CA ALA A 229 2.38 -9.71 12.57
C ALA A 229 1.61 -8.72 13.45
N GLN A 230 0.71 -7.96 12.84
CA GLN A 230 -0.07 -6.98 13.58
C GLN A 230 -0.94 -7.64 14.64
N ALA A 231 -1.62 -8.72 14.26
CA ALA A 231 -2.47 -9.44 15.20
C ALA A 231 -1.61 -9.89 16.39
N LEU A 232 -0.56 -10.66 16.12
CA LEU A 232 0.33 -11.16 17.15
C LEU A 232 0.89 -10.08 18.05
N ARG A 233 1.34 -8.98 17.46
CA ARG A 233 1.89 -7.88 18.23
C ARG A 233 0.83 -7.33 19.16
N GLY A 234 -0.40 -7.35 18.70
CA GLY A 234 -1.50 -6.84 19.50
C GLY A 234 -1.76 -7.65 20.74
N PHE A 235 -1.23 -8.86 20.79
CA PHE A 235 -1.45 -9.73 21.94
C PHE A 235 -0.28 -9.77 22.90
N GLY A 236 0.77 -9.03 22.57
CA GLY A 236 1.92 -8.99 23.44
C GLY A 236 3.03 -9.92 23.04
N ALA A 237 2.99 -10.42 21.80
CA ALA A 237 4.02 -11.31 21.32
C ALA A 237 5.14 -10.49 20.67
N ARG A 238 6.38 -10.96 20.83
CA ARG A 238 7.53 -10.31 20.22
C ARG A 238 7.63 -10.92 18.84
N VAL A 239 7.14 -10.20 17.84
CA VAL A 239 7.13 -10.70 16.47
C VAL A 239 8.45 -10.53 15.73
N ILE A 240 8.92 -11.62 15.13
CA ILE A 240 10.15 -11.59 14.34
C ILE A 240 9.74 -11.91 12.91
N ILE A 241 10.21 -11.07 11.99
CA ILE A 241 9.89 -11.22 10.58
C ILE A 241 11.04 -11.75 9.73
N THR A 242 10.72 -12.53 8.70
CA THR A 242 11.73 -13.03 7.79
C THR A 242 11.22 -12.54 6.43
N GLU A 243 12.12 -12.18 5.53
CA GLU A 243 11.70 -11.69 4.23
C GLU A 243 12.82 -11.77 3.21
N ILE A 244 12.44 -11.86 1.94
CA ILE A 244 13.39 -11.93 0.83
C ILE A 244 13.34 -10.62 0.06
N ASP A 245 12.24 -9.89 0.23
CA ASP A 245 12.07 -8.61 -0.45
C ASP A 245 12.59 -7.52 0.48
N PRO A 246 13.59 -6.75 0.01
CA PRO A 246 14.20 -5.65 0.78
C PRO A 246 13.20 -4.56 1.12
N ILE A 247 12.23 -4.35 0.24
CA ILE A 247 11.22 -3.33 0.46
C ILE A 247 10.29 -3.74 1.60
N ASN A 248 9.79 -4.96 1.52
CA ASN A 248 8.88 -5.47 2.55
C ASN A 248 9.59 -5.55 3.90
N ALA A 249 10.84 -5.97 3.86
CA ALA A 249 11.67 -6.09 5.06
C ALA A 249 11.84 -4.73 5.73
N LEU A 250 12.08 -3.70 4.92
CA LEU A 250 12.29 -2.35 5.42
C LEU A 250 11.02 -1.84 6.12
N GLN A 251 9.87 -2.18 5.54
CA GLN A 251 8.58 -1.79 6.12
C GLN A 251 8.44 -2.38 7.51
N ALA A 252 8.83 -3.64 7.64
CA ALA A 252 8.76 -4.35 8.91
C ALA A 252 9.70 -3.69 9.92
N ALA A 253 10.89 -3.32 9.45
CA ALA A 253 11.88 -2.69 10.32
C ALA A 253 11.37 -1.32 10.80
N MET A 254 10.60 -0.64 9.96
CA MET A 254 10.05 0.66 10.32
C MET A 254 8.92 0.54 11.33
N GLU A 255 8.42 -0.68 11.54
CA GLU A 255 7.36 -0.87 12.51
C GLU A 255 7.96 -1.41 13.81
N GLY A 256 9.27 -1.59 13.81
CA GLY A 256 9.96 -2.06 14.99
C GLY A 256 10.05 -3.56 15.08
N TYR A 257 9.79 -4.26 13.99
CA TYR A 257 9.87 -5.72 13.99
C TYR A 257 11.29 -6.13 13.63
N GLU A 258 11.84 -7.09 14.37
CA GLU A 258 13.16 -7.59 14.06
C GLU A 258 12.99 -8.41 12.78
N VAL A 259 13.90 -8.22 11.82
CA VAL A 259 13.83 -8.96 10.58
C VAL A 259 15.11 -9.77 10.39
N THR A 260 14.99 -11.08 10.53
CA THR A 260 16.14 -11.96 10.38
C THR A 260 15.74 -13.16 9.54
N THR A 261 16.65 -14.11 9.42
CA THR A 261 16.39 -15.31 8.64
C THR A 261 15.77 -16.40 9.48
N MET A 262 15.08 -17.33 8.82
CA MET A 262 14.45 -18.45 9.49
C MET A 262 15.55 -19.27 10.16
N ASP A 263 16.66 -19.43 9.47
CA ASP A 263 17.82 -20.18 9.97
C ASP A 263 18.26 -19.69 11.32
N GLU A 264 17.97 -18.43 11.60
CA GLU A 264 18.36 -17.86 12.88
C GLU A 264 17.18 -17.86 13.85
N ALA A 265 16.01 -17.41 13.37
CA ALA A 265 14.82 -17.35 14.21
C ALA A 265 14.30 -18.69 14.71
N CYS A 266 14.50 -19.75 13.94
CA CYS A 266 14.02 -21.07 14.33
C CYS A 266 14.51 -21.46 15.72
N GLN A 267 15.61 -20.83 16.14
CA GLN A 267 16.18 -21.11 17.45
C GLN A 267 15.51 -20.30 18.54
N GLU A 268 14.75 -19.28 18.15
CA GLU A 268 14.11 -18.45 19.15
C GLU A 268 12.59 -18.39 19.18
N GLY A 269 11.96 -18.70 18.06
CA GLY A 269 10.50 -18.65 18.03
C GLY A 269 9.75 -19.71 18.81
N ASN A 270 8.63 -19.30 19.41
CA ASN A 270 7.77 -20.21 20.16
C ASN A 270 6.63 -20.58 19.24
N ILE A 271 6.33 -19.63 18.36
CA ILE A 271 5.26 -19.76 17.39
C ILE A 271 5.80 -19.41 16.02
N PHE A 272 5.49 -20.23 15.02
CA PHE A 272 5.96 -19.98 13.66
C PHE A 272 4.76 -19.90 12.72
N VAL A 273 4.72 -18.82 11.94
CA VAL A 273 3.64 -18.61 10.99
C VAL A 273 4.24 -18.31 9.64
N THR A 274 3.83 -19.06 8.62
CA THR A 274 4.34 -18.86 7.27
C THR A 274 3.26 -18.19 6.43
N THR A 275 3.66 -17.18 5.68
CA THR A 275 2.74 -16.40 4.84
C THR A 275 3.46 -15.98 3.55
N THR A 276 4.48 -16.74 3.18
CA THR A 276 5.28 -16.40 2.00
C THR A 276 4.69 -16.76 0.66
N GLY A 277 3.92 -17.85 0.61
CA GLY A 277 3.35 -18.29 -0.64
C GLY A 277 4.45 -19.00 -1.41
N CYS A 278 5.51 -19.34 -0.68
CA CYS A 278 6.68 -20.00 -1.25
C CYS A 278 6.94 -21.36 -0.57
N ILE A 279 7.67 -22.22 -1.24
CA ILE A 279 8.00 -23.54 -0.69
C ILE A 279 9.26 -23.52 0.17
N ASP A 280 9.39 -24.55 0.99
CA ASP A 280 10.56 -24.73 1.85
C ASP A 280 10.89 -23.58 2.78
N ILE A 281 9.92 -23.17 3.60
CA ILE A 281 10.14 -22.08 4.54
C ILE A 281 10.66 -22.66 5.85
N ILE A 282 9.93 -23.62 6.40
CA ILE A 282 10.36 -24.26 7.62
C ILE A 282 10.77 -25.68 7.25
N LEU A 283 12.02 -26.03 7.53
CA LEU A 283 12.54 -27.33 7.18
C LEU A 283 13.07 -28.12 8.37
N GLY A 284 13.55 -29.34 8.10
CA GLY A 284 14.08 -30.18 9.14
C GLY A 284 15.16 -29.51 9.96
N ARG A 285 16.08 -28.81 9.30
CA ARG A 285 17.14 -28.14 10.02
C ARG A 285 16.58 -27.03 10.93
N HIS A 286 15.40 -26.50 10.59
CA HIS A 286 14.77 -25.47 11.43
C HIS A 286 14.08 -26.16 12.59
N PHE A 287 13.34 -27.22 12.29
CA PHE A 287 12.65 -27.98 13.32
C PHE A 287 13.60 -28.46 14.40
N GLU A 288 14.73 -29.03 13.98
CA GLU A 288 15.73 -29.56 14.90
C GLU A 288 16.29 -28.50 15.83
N GLN A 289 16.07 -27.24 15.50
CA GLN A 289 16.57 -26.15 16.33
C GLN A 289 15.50 -25.52 17.21
N MET A 290 14.24 -25.85 16.95
CA MET A 290 13.14 -25.26 17.72
C MET A 290 13.04 -25.64 19.18
N LYS A 291 12.48 -24.72 19.95
CA LYS A 291 12.27 -24.94 21.37
C LYS A 291 11.17 -25.97 21.53
N ASP A 292 11.13 -26.62 22.69
CA ASP A 292 10.13 -27.64 22.94
C ASP A 292 8.72 -27.11 22.86
N ASP A 293 7.89 -27.79 22.07
CA ASP A 293 6.49 -27.41 21.88
C ASP A 293 6.28 -26.17 21.06
N ALA A 294 7.26 -25.82 20.24
CA ALA A 294 7.13 -24.66 19.38
C ALA A 294 5.91 -24.93 18.51
N ILE A 295 5.03 -23.95 18.41
CA ILE A 295 3.83 -24.10 17.58
C ILE A 295 4.20 -23.67 16.16
N VAL A 296 3.89 -24.53 15.20
CA VAL A 296 4.22 -24.27 13.81
C VAL A 296 2.96 -24.31 12.96
N CYS A 297 2.74 -23.27 12.16
CA CYS A 297 1.54 -23.24 11.32
C CYS A 297 1.74 -22.43 10.05
N ASN A 298 0.88 -22.72 9.08
CA ASN A 298 0.95 -22.06 7.79
C ASN A 298 -0.37 -21.38 7.48
N ILE A 299 -0.28 -20.16 6.96
CA ILE A 299 -1.47 -19.40 6.61
C ILE A 299 -1.24 -18.78 5.24
N GLY A 300 -0.25 -19.31 4.52
CA GLY A 300 0.06 -18.81 3.20
C GLY A 300 -0.45 -19.68 2.06
N HIS A 301 0.44 -20.46 1.45
CA HIS A 301 0.07 -21.32 0.34
C HIS A 301 -0.29 -22.73 0.77
N PHE A 302 -1.37 -23.26 0.19
CA PHE A 302 -1.90 -24.60 0.49
C PHE A 302 -1.16 -25.35 1.58
N ASP A 303 -0.15 -26.13 1.22
CA ASP A 303 0.63 -26.88 2.22
C ASP A 303 2.10 -27.05 1.84
N VAL A 304 2.63 -26.14 1.00
CA VAL A 304 4.01 -26.24 0.56
C VAL A 304 5.05 -25.44 1.33
N GLU A 305 4.63 -24.65 2.30
CA GLU A 305 5.57 -23.82 3.06
C GLU A 305 6.32 -24.52 4.17
N ILE A 306 5.66 -25.46 4.82
CA ILE A 306 6.28 -26.22 5.91
C ILE A 306 6.60 -27.61 5.37
N ASP A 307 7.76 -28.14 5.73
CA ASP A 307 8.14 -29.46 5.27
C ASP A 307 7.53 -30.48 6.25
N VAL A 308 6.22 -30.66 6.15
CA VAL A 308 5.51 -31.58 7.03
C VAL A 308 5.98 -33.02 6.81
N LYS A 309 6.32 -33.33 5.57
CA LYS A 309 6.79 -34.67 5.24
C LYS A 309 8.02 -35.01 6.06
N TRP A 310 8.90 -34.03 6.26
CA TRP A 310 10.10 -34.27 7.06
C TRP A 310 9.67 -34.69 8.47
N LEU A 311 8.74 -33.93 9.07
CA LEU A 311 8.24 -34.24 10.42
C LEU A 311 7.74 -35.67 10.50
N ASN A 312 6.93 -36.06 9.51
CA ASN A 312 6.40 -37.42 9.48
C ASN A 312 7.48 -38.47 9.37
N GLU A 313 8.47 -38.21 8.52
CA GLU A 313 9.56 -39.17 8.32
C GLU A 313 10.67 -39.12 9.37
N ASN A 314 10.72 -38.10 10.21
CA ASN A 314 11.81 -38.03 11.18
C ASN A 314 11.43 -38.04 12.65
N ALA A 315 10.17 -37.74 12.95
CA ALA A 315 9.71 -37.72 14.32
C ALA A 315 9.64 -39.13 14.89
N VAL A 316 9.89 -39.26 16.18
CA VAL A 316 9.84 -40.56 16.84
C VAL A 316 8.46 -40.72 17.47
N GLU A 317 7.67 -39.64 17.44
CA GLU A 317 6.32 -39.66 17.99
C GLU A 317 5.41 -38.74 17.20
N LYS A 318 4.13 -39.09 17.17
CA LYS A 318 3.13 -38.25 16.50
C LYS A 318 1.84 -38.43 17.26
N VAL A 319 1.54 -37.47 18.14
CA VAL A 319 0.33 -37.56 18.93
C VAL A 319 -0.69 -36.52 18.54
N ASN A 320 -1.87 -36.97 18.17
CA ASN A 320 -2.94 -36.07 17.81
C ASN A 320 -3.61 -35.52 19.08
N ILE A 321 -3.54 -34.21 19.24
CA ILE A 321 -4.11 -33.53 20.39
C ILE A 321 -5.60 -33.33 20.21
N LYS A 322 -5.99 -33.01 18.99
CA LYS A 322 -7.38 -32.77 18.61
C LYS A 322 -7.35 -32.56 17.10
N PRO A 323 -8.51 -32.60 16.44
CA PRO A 323 -8.52 -32.40 14.99
C PRO A 323 -7.68 -31.22 14.53
N GLN A 324 -6.88 -31.44 13.49
CA GLN A 324 -6.02 -30.39 12.93
C GLN A 324 -4.93 -29.87 13.87
N VAL A 325 -4.58 -30.67 14.87
CA VAL A 325 -3.56 -30.29 15.83
C VAL A 325 -2.79 -31.55 16.18
N ASP A 326 -1.54 -31.62 15.74
CA ASP A 326 -0.72 -32.79 16.01
C ASP A 326 0.58 -32.42 16.69
N ARG A 327 1.01 -33.27 17.62
CA ARG A 327 2.23 -33.04 18.37
C ARG A 327 3.32 -34.07 18.08
N TYR A 328 4.31 -33.67 17.29
CA TYR A 328 5.40 -34.56 16.95
C TYR A 328 6.53 -34.47 17.95
N ARG A 329 7.16 -35.60 18.24
CA ARG A 329 8.30 -35.63 19.13
C ARG A 329 9.48 -35.92 18.20
N LEU A 330 10.59 -35.20 18.39
CA LEU A 330 11.76 -35.39 17.53
C LEU A 330 12.83 -36.24 18.20
N LYS A 331 13.75 -36.76 17.40
CA LYS A 331 14.82 -37.60 17.95
C LYS A 331 15.56 -36.90 19.07
N ASN A 332 15.57 -35.57 19.07
CA ASN A 332 16.25 -34.82 20.13
C ASN A 332 15.39 -34.70 21.38
N GLY A 333 14.20 -35.27 21.35
CA GLY A 333 13.33 -35.19 22.52
C GLY A 333 12.37 -34.03 22.57
N ARG A 334 12.60 -33.01 21.73
CA ARG A 334 11.72 -31.85 21.71
C ARG A 334 10.48 -32.12 20.85
N ARG A 335 9.36 -31.55 21.25
CA ARG A 335 8.12 -31.75 20.52
C ARG A 335 7.74 -30.54 19.68
N ILE A 336 7.13 -30.79 18.54
CA ILE A 336 6.69 -29.72 17.65
C ILE A 336 5.17 -29.84 17.54
N ILE A 337 4.46 -28.74 17.73
CA ILE A 337 3.01 -28.76 17.61
C ILE A 337 2.63 -28.19 16.26
N LEU A 338 2.25 -29.06 15.33
CA LEU A 338 1.86 -28.66 13.98
C LEU A 338 0.35 -28.48 13.87
N LEU A 339 -0.06 -27.38 13.24
CA LEU A 339 -1.49 -27.11 13.08
C LEU A 339 -1.98 -27.39 11.66
N ALA A 340 -3.27 -27.74 11.56
CA ALA A 340 -3.91 -28.02 10.27
C ALA A 340 -3.05 -28.82 9.31
N GLU A 341 -2.19 -29.66 9.86
CA GLU A 341 -1.32 -30.51 9.06
C GLU A 341 -0.49 -29.76 8.04
N GLY A 342 -0.07 -28.56 8.38
CA GLY A 342 0.72 -27.78 7.44
C GLY A 342 -0.13 -26.98 6.49
N ARG A 343 -1.43 -27.17 6.52
CA ARG A 343 -2.31 -26.42 5.62
C ARG A 343 -2.70 -25.10 6.27
N LEU A 344 -3.67 -24.41 5.70
CA LEU A 344 -4.09 -23.12 6.23
C LEU A 344 -4.71 -23.27 7.61
N VAL A 345 -4.03 -22.69 8.59
CA VAL A 345 -4.46 -22.74 9.98
C VAL A 345 -5.81 -22.06 10.22
N ASN A 346 -6.11 -21.02 9.45
CA ASN A 346 -7.37 -20.30 9.64
C ASN A 346 -8.55 -21.05 9.03
N LEU A 347 -8.25 -22.11 8.28
CA LEU A 347 -9.28 -22.93 7.69
C LEU A 347 -9.44 -24.19 8.54
N GLY A 348 -8.32 -24.82 8.87
CA GLY A 348 -8.35 -26.05 9.64
C GLY A 348 -8.59 -25.91 11.13
N CYS A 349 -8.22 -24.77 11.71
CA CYS A 349 -8.36 -24.56 13.14
C CYS A 349 -9.30 -23.40 13.47
N ALA A 350 -9.96 -22.88 12.45
CA ALA A 350 -10.89 -21.78 12.63
C ALA A 350 -11.98 -21.85 11.56
N MET A 351 -12.81 -20.80 11.49
CA MET A 351 -13.89 -20.77 10.52
C MET A 351 -13.59 -19.98 9.26
N GLY A 352 -12.31 -19.78 8.96
CA GLY A 352 -11.93 -19.04 7.78
C GLY A 352 -12.13 -17.54 7.98
N HIS A 353 -12.28 -16.81 6.87
CA HIS A 353 -12.49 -15.38 6.93
C HIS A 353 -13.82 -14.95 7.52
N PRO A 354 -13.85 -13.82 8.23
CA PRO A 354 -15.09 -13.32 8.82
C PRO A 354 -16.03 -12.98 7.68
N SER A 355 -17.32 -12.90 7.96
CA SER A 355 -18.28 -12.59 6.91
C SER A 355 -18.01 -11.25 6.25
N PHE A 356 -17.71 -10.22 7.05
CA PHE A 356 -17.44 -8.89 6.55
C PHE A 356 -16.33 -8.88 5.49
N VAL A 357 -15.32 -9.73 5.70
CA VAL A 357 -14.22 -9.85 4.74
C VAL A 357 -14.76 -10.41 3.42
N MET A 358 -15.51 -11.50 3.52
CA MET A 358 -16.08 -12.12 2.33
C MET A 358 -17.00 -11.15 1.62
N SER A 359 -17.62 -10.26 2.38
CA SER A 359 -18.53 -9.28 1.81
C SER A 359 -17.78 -8.38 0.83
N ASN A 360 -16.55 -8.03 1.18
CA ASN A 360 -15.73 -7.18 0.33
C ASN A 360 -15.32 -7.88 -0.96
N SER A 361 -14.96 -9.15 -0.86
CA SER A 361 -14.56 -9.91 -2.04
C SER A 361 -15.75 -10.08 -2.98
N PHE A 362 -16.87 -10.53 -2.44
CA PHE A 362 -18.06 -10.78 -3.24
C PHE A 362 -18.71 -9.52 -3.81
N THR A 363 -18.69 -8.43 -3.04
CA THR A 363 -19.27 -7.20 -3.54
C THR A 363 -18.45 -6.78 -4.77
N ASN A 364 -17.23 -7.31 -4.84
CA ASN A 364 -16.35 -7.06 -5.97
C ASN A 364 -16.84 -7.89 -7.16
N GLN A 365 -17.19 -9.15 -6.90
CA GLN A 365 -17.71 -10.04 -7.93
C GLN A 365 -18.98 -9.42 -8.52
N VAL A 366 -19.86 -8.96 -7.65
CA VAL A 366 -21.10 -8.33 -8.11
C VAL A 366 -20.78 -7.17 -9.05
N MET A 367 -19.89 -6.28 -8.60
CA MET A 367 -19.49 -5.12 -9.39
C MET A 367 -18.98 -5.54 -10.77
N ALA A 368 -18.12 -6.55 -10.78
CA ALA A 368 -17.54 -7.07 -12.02
C ALA A 368 -18.64 -7.59 -12.94
N GLN A 369 -19.56 -8.35 -12.36
CA GLN A 369 -20.68 -8.93 -13.09
C GLN A 369 -21.55 -7.87 -13.75
N ILE A 370 -21.87 -6.81 -13.01
CA ILE A 370 -22.69 -5.73 -13.52
C ILE A 370 -21.95 -4.99 -14.63
N GLU A 371 -20.67 -4.74 -14.40
CA GLU A 371 -19.82 -4.03 -15.35
C GLU A 371 -19.71 -4.72 -16.70
N LEU A 372 -19.46 -6.03 -16.68
CA LEU A 372 -19.34 -6.79 -17.93
C LEU A 372 -20.69 -6.98 -18.61
N TRP A 373 -21.69 -7.40 -17.84
CA TRP A 373 -23.01 -7.61 -18.40
C TRP A 373 -23.62 -6.35 -19.04
N THR A 374 -23.45 -5.20 -18.41
CA THR A 374 -24.03 -3.97 -18.95
C THR A 374 -23.13 -3.11 -19.84
N HIS A 375 -21.83 -3.41 -19.85
CA HIS A 375 -20.90 -2.65 -20.67
C HIS A 375 -19.98 -3.55 -21.48
N PRO A 376 -20.57 -4.49 -22.25
CA PRO A 376 -19.74 -5.40 -23.05
C PRO A 376 -18.83 -4.59 -23.98
N ASP A 377 -19.43 -3.61 -24.66
CA ASP A 377 -18.74 -2.73 -25.60
C ASP A 377 -17.43 -2.16 -25.05
N LYS A 378 -17.30 -2.12 -23.73
CA LYS A 378 -16.10 -1.56 -23.10
C LYS A 378 -14.97 -2.57 -22.87
N TYR A 379 -15.26 -3.85 -23.03
CA TYR A 379 -14.24 -4.86 -22.76
C TYR A 379 -13.89 -5.82 -23.86
N PRO A 380 -12.69 -5.67 -24.43
CA PRO A 380 -12.22 -6.53 -25.50
C PRO A 380 -11.80 -7.84 -24.82
N VAL A 381 -11.77 -8.93 -25.57
CA VAL A 381 -11.35 -10.19 -24.98
C VAL A 381 -9.99 -9.89 -24.33
N GLY A 382 -9.80 -10.37 -23.10
CA GLY A 382 -8.56 -10.12 -22.40
C GLY A 382 -8.83 -9.93 -20.92
N VAL A 383 -7.78 -9.85 -20.12
CA VAL A 383 -7.94 -9.68 -18.68
C VAL A 383 -7.89 -8.21 -18.32
N HIS A 384 -8.92 -7.73 -17.63
CA HIS A 384 -9.00 -6.32 -17.25
C HIS A 384 -9.11 -6.15 -15.73
N PHE A 385 -8.52 -5.07 -15.22
CA PHE A 385 -8.59 -4.80 -13.78
C PHE A 385 -9.95 -4.16 -13.51
N LEU A 386 -10.47 -4.36 -12.30
CA LEU A 386 -11.74 -3.75 -11.97
C LEU A 386 -11.57 -2.23 -11.91
N PRO A 387 -12.36 -1.46 -12.68
CA PRO A 387 -12.23 0.00 -12.64
C PRO A 387 -12.20 0.50 -11.20
N LYS A 388 -11.29 1.42 -10.90
CA LYS A 388 -11.16 1.96 -9.57
C LYS A 388 -12.46 2.52 -8.99
N LYS A 389 -13.24 3.21 -9.83
CA LYS A 389 -14.50 3.76 -9.36
C LYS A 389 -15.37 2.65 -8.78
N LEU A 390 -15.24 1.45 -9.35
CA LEU A 390 -16.00 0.29 -8.88
C LEU A 390 -15.40 -0.24 -7.58
N ASP A 391 -14.08 -0.20 -7.48
CA ASP A 391 -13.40 -0.64 -6.29
C ASP A 391 -13.80 0.31 -5.16
N GLU A 392 -13.91 1.60 -5.47
CA GLU A 392 -14.30 2.60 -4.47
C GLU A 392 -15.75 2.36 -4.07
N ALA A 393 -16.58 1.98 -5.04
CA ALA A 393 -17.99 1.71 -4.79
C ALA A 393 -18.14 0.59 -3.77
N VAL A 394 -17.23 -0.39 -3.83
CA VAL A 394 -17.26 -1.50 -2.90
C VAL A 394 -17.01 -1.00 -1.48
N ALA A 395 -15.96 -0.22 -1.29
CA ALA A 395 -15.64 0.32 0.02
C ALA A 395 -16.77 1.19 0.54
N GLU A 396 -17.30 2.03 -0.35
CA GLU A 396 -18.38 2.93 0.03
C GLU A 396 -19.59 2.13 0.51
N ALA A 397 -19.83 1.00 -0.15
CA ALA A 397 -20.95 0.14 0.22
C ALA A 397 -20.82 -0.42 1.63
N HIS A 398 -19.60 -0.44 2.16
CA HIS A 398 -19.39 -0.96 3.52
C HIS A 398 -19.30 0.13 4.59
N LEU A 399 -19.26 1.39 4.17
CA LEU A 399 -19.13 2.48 5.14
C LEU A 399 -20.34 2.65 6.05
N GLY A 400 -21.54 2.44 5.51
CA GLY A 400 -22.75 2.58 6.31
C GLY A 400 -22.70 1.74 7.57
N LYS A 401 -22.53 0.43 7.39
CA LYS A 401 -22.47 -0.49 8.51
C LYS A 401 -21.48 0.03 9.56
N LEU A 402 -20.39 0.64 9.10
CA LEU A 402 -19.37 1.16 9.98
C LEU A 402 -19.76 2.51 10.54
N ASN A 403 -20.91 3.02 10.11
CA ASN A 403 -21.40 4.31 10.56
C ASN A 403 -20.30 5.36 10.37
N VAL A 404 -19.68 5.31 9.19
CA VAL A 404 -18.61 6.24 8.84
C VAL A 404 -19.17 7.32 7.95
N LYS A 405 -18.99 8.57 8.34
CA LYS A 405 -19.49 9.67 7.52
C LYS A 405 -18.41 10.14 6.55
N LEU A 406 -18.59 9.76 5.28
CA LEU A 406 -17.65 10.14 4.24
C LEU A 406 -17.89 11.58 3.84
N THR A 407 -16.80 12.34 3.71
CA THR A 407 -16.90 13.73 3.30
C THR A 407 -17.11 13.76 1.79
N LYS A 408 -17.72 14.84 1.29
CA LYS A 408 -17.97 14.99 -0.14
C LYS A 408 -17.29 16.26 -0.67
N LEU A 409 -16.42 16.09 -1.65
CA LEU A 409 -15.72 17.22 -2.24
C LEU A 409 -16.70 18.23 -2.83
N THR A 410 -16.46 19.50 -2.56
CA THR A 410 -17.29 20.57 -3.10
C THR A 410 -16.83 20.72 -4.55
N GLU A 411 -17.66 21.34 -5.38
CA GLU A 411 -17.30 21.51 -6.78
C GLU A 411 -15.97 22.26 -6.89
N LYS A 412 -15.77 23.23 -6.02
CA LYS A 412 -14.54 24.01 -6.03
C LYS A 412 -13.33 23.11 -5.70
N GLN A 413 -13.51 22.18 -4.77
CA GLN A 413 -12.42 21.28 -4.38
C GLN A 413 -12.10 20.28 -5.48
N ALA A 414 -13.14 19.78 -6.15
CA ALA A 414 -12.96 18.81 -7.21
C ALA A 414 -12.20 19.46 -8.38
N GLN A 415 -12.57 20.67 -8.73
CA GLN A 415 -11.90 21.37 -9.81
C GLN A 415 -10.45 21.58 -9.43
N TYR A 416 -10.24 22.02 -8.18
CA TYR A 416 -8.88 22.23 -7.69
C TYR A 416 -8.07 20.95 -7.80
N LEU A 417 -8.65 19.84 -7.34
CA LEU A 417 -7.98 18.56 -7.38
C LEU A 417 -7.96 17.93 -8.77
N GLY A 418 -8.74 18.51 -9.69
CA GLY A 418 -8.78 17.98 -11.03
C GLY A 418 -9.45 16.62 -11.09
N MET A 419 -10.40 16.38 -10.19
CA MET A 419 -11.12 15.11 -10.17
C MET A 419 -12.62 15.30 -10.04
N SER A 420 -13.36 14.20 -10.17
CA SER A 420 -14.81 14.21 -10.07
C SER A 420 -15.31 14.11 -8.63
N CYS A 421 -16.47 14.70 -8.36
CA CYS A 421 -17.06 14.67 -7.03
C CYS A 421 -17.34 13.22 -6.66
N ASP A 422 -17.48 12.38 -7.68
CA ASP A 422 -17.77 10.99 -7.46
C ASP A 422 -16.60 10.04 -7.74
N GLY A 423 -15.41 10.61 -7.97
CA GLY A 423 -14.25 9.79 -8.23
C GLY A 423 -14.12 9.31 -9.65
N PRO A 424 -13.11 8.48 -9.96
CA PRO A 424 -12.11 7.99 -9.00
C PRO A 424 -11.30 9.10 -8.35
N PHE A 425 -10.85 8.85 -7.12
CA PHE A 425 -10.09 9.83 -6.35
C PHE A 425 -8.59 9.60 -6.37
N LYS A 426 -8.16 8.50 -6.96
CA LYS A 426 -6.75 8.16 -7.00
C LYS A 426 -6.30 7.67 -8.36
N PRO A 427 -5.04 7.96 -8.73
CA PRO A 427 -4.52 7.51 -10.03
C PRO A 427 -4.31 5.99 -9.96
N ASP A 428 -4.15 5.34 -11.09
CA ASP A 428 -3.98 3.90 -11.09
C ASP A 428 -2.82 3.36 -10.26
N HIS A 429 -1.68 4.03 -10.28
CA HIS A 429 -0.51 3.56 -9.54
C HIS A 429 -0.56 3.76 -8.03
N TYR A 430 -1.58 4.46 -7.54
CA TYR A 430 -1.71 4.72 -6.11
C TYR A 430 -1.74 3.40 -5.34
N ARG A 431 -0.93 3.30 -4.29
CA ARG A 431 -0.81 2.08 -3.50
C ARG A 431 -1.62 1.98 -2.21
N TYR A 432 -2.15 3.09 -1.70
CA TYR A 432 -2.93 3.06 -0.46
C TYR A 432 -2.10 2.58 0.74
N LYS B 4 33.39 34.25 -13.34
CA LYS B 4 32.26 33.52 -12.70
C LYS B 4 32.66 33.06 -11.29
N LEU B 5 31.82 33.35 -10.32
CA LEU B 5 32.11 32.95 -8.93
C LEU B 5 32.18 31.44 -8.83
N PRO B 6 33.18 30.91 -8.10
CA PRO B 6 33.33 29.46 -7.94
C PRO B 6 32.18 28.89 -7.11
N TYR B 7 31.43 29.80 -6.49
CA TYR B 7 30.28 29.44 -5.67
C TYR B 7 29.81 30.72 -4.99
N LYS B 8 28.73 30.63 -4.23
CA LYS B 8 28.22 31.79 -3.51
C LYS B 8 27.36 31.27 -2.37
N VAL B 9 27.86 31.44 -1.16
CA VAL B 9 27.13 30.99 0.03
C VAL B 9 27.16 32.12 1.07
N ALA B 10 26.23 32.07 2.02
CA ALA B 10 26.17 33.09 3.05
C ALA B 10 27.56 33.37 3.64
N ASP B 11 28.05 32.45 4.46
CA ASP B 11 29.35 32.62 5.09
C ASP B 11 30.14 31.32 5.04
N ILE B 12 31.11 31.28 4.12
CA ILE B 12 31.96 30.10 3.93
C ILE B 12 32.62 29.62 5.21
N GLY B 13 32.63 30.47 6.23
CA GLY B 13 33.23 30.11 7.50
C GLY B 13 32.39 29.18 8.35
N LEU B 14 31.26 28.75 7.81
CA LEU B 14 30.38 27.84 8.52
C LEU B 14 30.64 26.40 8.06
N ALA B 15 31.65 26.25 7.21
CA ALA B 15 32.02 24.93 6.67
C ALA B 15 32.31 23.86 7.71
N ALA B 16 33.11 24.17 8.73
CA ALA B 16 33.45 23.20 9.77
C ALA B 16 32.16 22.69 10.41
N TRP B 17 31.28 23.63 10.75
CA TRP B 17 30.00 23.30 11.38
C TRP B 17 29.21 22.39 10.42
N GLY B 18 29.12 22.81 9.17
CA GLY B 18 28.41 22.03 8.16
C GLY B 18 29.03 20.64 8.02
N ARG B 19 30.35 20.59 7.99
CA ARG B 19 31.06 19.32 7.86
C ARG B 19 30.70 18.41 9.05
N LYS B 20 30.59 19.01 10.24
CA LYS B 20 30.25 18.24 11.41
C LYS B 20 28.85 17.65 11.28
N ALA B 21 27.92 18.46 10.78
CA ALA B 21 26.53 18.01 10.60
C ALA B 21 26.43 16.91 9.55
N LEU B 22 27.23 17.01 8.49
CA LEU B 22 27.21 16.00 7.45
C LEU B 22 27.73 14.67 7.99
N ASP B 23 28.81 14.73 8.75
CA ASP B 23 29.40 13.52 9.32
C ASP B 23 28.35 12.77 10.12
N ILE B 24 27.59 13.51 10.90
CA ILE B 24 26.55 12.91 11.72
C ILE B 24 25.45 12.38 10.81
N ALA B 25 25.10 13.17 9.80
CA ALA B 25 24.05 12.78 8.87
C ALA B 25 24.39 11.49 8.12
N GLU B 26 25.65 11.35 7.70
CA GLU B 26 26.07 10.16 6.96
C GLU B 26 25.64 8.86 7.64
N ASN B 27 25.82 8.78 8.95
CA ASN B 27 25.43 7.56 9.66
C ASN B 27 23.94 7.30 9.60
N GLU B 28 23.16 8.33 9.27
CA GLU B 28 21.71 8.20 9.18
C GLU B 28 21.27 8.09 7.73
N MET B 29 22.22 8.08 6.81
CA MET B 29 21.90 7.97 5.39
C MET B 29 22.72 6.85 4.76
N PRO B 30 22.50 5.61 5.22
CA PRO B 30 23.21 4.42 4.74
C PRO B 30 23.01 4.16 3.25
N GLY B 31 21.82 4.46 2.76
CA GLY B 31 21.54 4.27 1.35
C GLY B 31 22.59 4.95 0.49
N LEU B 32 22.87 6.22 0.80
CA LEU B 32 23.85 6.99 0.06
C LEU B 32 25.28 6.49 0.32
N MET B 33 25.56 6.15 1.58
CA MET B 33 26.88 5.66 1.94
C MET B 33 27.16 4.30 1.31
N ARG B 34 26.09 3.54 1.11
CA ARG B 34 26.20 2.22 0.50
C ARG B 34 26.61 2.40 -0.96
N MET B 35 26.07 3.43 -1.59
CA MET B 35 26.39 3.75 -2.98
C MET B 35 27.86 4.12 -3.11
N ARG B 36 28.37 4.88 -2.14
CA ARG B 36 29.76 5.29 -2.15
C ARG B 36 30.68 4.09 -1.99
N GLU B 37 30.37 3.22 -1.03
CA GLU B 37 31.19 2.04 -0.78
C GLU B 37 31.17 1.12 -1.99
N ARG B 38 30.00 0.99 -2.61
CA ARG B 38 29.82 0.12 -3.77
C ARG B 38 30.23 0.70 -5.13
N TYR B 39 30.39 2.01 -5.21
CA TYR B 39 30.72 2.62 -6.49
C TYR B 39 31.90 3.57 -6.58
N SER B 40 32.48 3.95 -5.44
CA SER B 40 33.60 4.87 -5.49
C SER B 40 34.71 4.38 -6.40
N ALA B 41 34.98 3.08 -6.35
CA ALA B 41 36.05 2.50 -7.17
C ALA B 41 35.75 2.42 -8.66
N SER B 42 34.50 2.16 -9.03
CA SER B 42 34.15 2.03 -10.45
C SER B 42 33.72 3.31 -11.15
N LYS B 43 33.47 4.36 -10.36
CA LYS B 43 33.06 5.65 -10.92
C LYS B 43 32.01 5.53 -12.02
N PRO B 44 30.80 5.05 -11.68
CA PRO B 44 29.74 4.89 -12.69
C PRO B 44 29.25 6.22 -13.28
N LEU B 45 29.45 7.32 -12.57
CA LEU B 45 29.01 8.62 -13.07
C LEU B 45 30.15 9.44 -13.68
N LYS B 46 31.22 8.75 -14.05
CA LYS B 46 32.38 9.39 -14.65
C LYS B 46 31.97 10.07 -15.97
N GLY B 47 32.44 11.30 -16.14
CA GLY B 47 32.13 12.05 -17.34
C GLY B 47 30.87 12.88 -17.20
N ALA B 48 30.05 12.52 -16.21
CA ALA B 48 28.80 13.22 -15.98
C ALA B 48 29.02 14.61 -15.37
N ARG B 49 28.25 15.57 -15.87
CA ARG B 49 28.30 16.96 -15.39
C ARG B 49 26.88 17.20 -14.89
N ILE B 50 26.67 16.90 -13.62
CA ILE B 50 25.35 17.03 -13.01
C ILE B 50 25.02 18.37 -12.38
N ALA B 51 23.89 18.93 -12.80
CA ALA B 51 23.40 20.18 -12.25
C ALA B 51 22.19 19.81 -11.42
N GLY B 52 22.25 20.13 -10.13
CA GLY B 52 21.15 19.81 -9.25
C GLY B 52 20.49 21.02 -8.61
N CYS B 53 19.17 20.97 -8.53
CA CYS B 53 18.38 22.04 -7.93
C CYS B 53 17.55 21.36 -6.84
N LEU B 54 18.10 21.35 -5.62
CA LEU B 54 17.45 20.71 -4.49
C LEU B 54 17.85 21.41 -3.19
N HIS B 55 16.87 21.66 -2.32
CA HIS B 55 17.11 22.30 -1.04
C HIS B 55 18.54 22.02 -0.59
N MET B 56 19.36 23.07 -0.49
CA MET B 56 20.75 22.88 -0.08
C MET B 56 20.86 22.63 1.40
N THR B 57 20.41 21.45 1.82
CA THR B 57 20.42 21.06 3.22
C THR B 57 21.58 20.14 3.53
N VAL B 58 21.70 19.79 4.80
CA VAL B 58 22.74 18.88 5.27
C VAL B 58 22.56 17.55 4.55
N GLU B 59 21.31 17.10 4.47
CA GLU B 59 20.98 15.85 3.81
C GLU B 59 21.35 15.90 2.34
N THR B 60 21.02 17.01 1.69
CA THR B 60 21.33 17.19 0.28
C THR B 60 22.85 17.17 0.08
N ALA B 61 23.56 17.80 1.01
CA ALA B 61 25.02 17.83 0.96
C ALA B 61 25.58 16.41 0.83
N VAL B 62 25.03 15.49 1.62
CA VAL B 62 25.48 14.10 1.59
C VAL B 62 25.19 13.48 0.22
N LEU B 63 24.07 13.85 -0.36
CA LEU B 63 23.71 13.34 -1.68
C LEU B 63 24.73 13.87 -2.67
N ILE B 64 25.04 15.16 -2.58
CA ILE B 64 25.99 15.82 -3.47
C ILE B 64 27.34 15.11 -3.50
N GLU B 65 27.92 14.93 -2.32
CA GLU B 65 29.22 14.28 -2.19
C GLU B 65 29.16 12.83 -2.65
N THR B 66 27.99 12.20 -2.56
CA THR B 66 27.85 10.82 -3.00
C THR B 66 28.00 10.81 -4.52
N LEU B 67 27.37 11.79 -5.16
CA LEU B 67 27.44 11.94 -6.61
C LEU B 67 28.88 12.15 -7.08
N VAL B 68 29.65 12.91 -6.31
CA VAL B 68 31.04 13.18 -6.63
C VAL B 68 31.90 11.94 -6.43
N THR B 69 31.58 11.17 -5.39
CA THR B 69 32.29 9.94 -5.11
C THR B 69 32.10 8.96 -6.25
N LEU B 70 30.94 9.00 -6.88
CA LEU B 70 30.65 8.09 -7.99
C LEU B 70 31.26 8.56 -9.31
N GLY B 71 32.06 9.62 -9.23
CA GLY B 71 32.73 10.13 -10.42
C GLY B 71 32.13 11.31 -11.16
N ALA B 72 30.98 11.79 -10.72
CA ALA B 72 30.34 12.90 -11.41
C ALA B 72 30.81 14.27 -10.95
N GLU B 73 30.71 15.24 -11.86
CA GLU B 73 31.05 16.62 -11.57
C GLU B 73 29.70 17.18 -11.11
N VAL B 74 29.72 18.08 -10.15
CA VAL B 74 28.46 18.60 -9.65
C VAL B 74 28.43 20.10 -9.39
N GLN B 75 27.31 20.72 -9.76
CA GLN B 75 27.09 22.13 -9.52
C GLN B 75 25.67 22.20 -8.96
N TRP B 76 25.50 22.95 -7.88
CA TRP B 76 24.21 22.97 -7.22
C TRP B 76 23.60 24.32 -6.89
N SER B 77 22.29 24.29 -6.66
CA SER B 77 21.49 25.45 -6.29
C SER B 77 20.29 24.87 -5.54
N SER B 78 19.73 25.65 -4.62
CA SER B 78 18.58 25.18 -3.84
C SER B 78 17.34 25.33 -4.70
N CYS B 79 16.29 24.57 -4.40
CA CYS B 79 15.05 24.68 -5.17
C CYS B 79 14.01 25.51 -4.43
N ASN B 80 14.46 26.17 -3.36
CA ASN B 80 13.61 27.04 -2.57
C ASN B 80 14.49 28.13 -1.92
N ILE B 81 14.06 29.38 -1.99
CA ILE B 81 14.83 30.49 -1.44
C ILE B 81 15.08 30.46 0.06
N PHE B 82 14.36 29.61 0.79
CA PHE B 82 14.56 29.54 2.25
C PHE B 82 15.10 28.22 2.77
N SER B 83 15.01 27.17 1.95
CA SER B 83 15.45 25.83 2.34
C SER B 83 16.96 25.58 2.55
N THR B 84 17.80 26.53 2.16
CA THR B 84 19.24 26.34 2.32
C THR B 84 19.71 26.44 3.77
N GLN B 85 20.56 25.50 4.17
CA GLN B 85 21.16 25.49 5.49
C GLN B 85 22.56 25.96 5.17
N ASP B 86 22.85 27.21 5.50
CA ASP B 86 24.14 27.80 5.18
C ASP B 86 25.37 26.98 5.53
N HIS B 87 25.41 26.39 6.72
CA HIS B 87 26.59 25.62 7.09
C HIS B 87 26.76 24.44 6.14
N ALA B 88 25.65 23.86 5.69
CA ALA B 88 25.74 22.73 4.78
C ALA B 88 26.32 23.20 3.44
N ALA B 89 25.78 24.30 2.92
CA ALA B 89 26.26 24.87 1.67
C ALA B 89 27.73 25.28 1.79
N ALA B 90 28.12 25.77 2.97
CA ALA B 90 29.49 26.19 3.21
C ALA B 90 30.45 25.00 3.07
N ALA B 91 30.06 23.87 3.65
CA ALA B 91 30.89 22.67 3.59
C ALA B 91 31.07 22.22 2.14
N ILE B 92 29.99 22.24 1.38
CA ILE B 92 30.02 21.85 -0.02
C ILE B 92 30.92 22.77 -0.83
N ALA B 93 30.80 24.07 -0.58
CA ALA B 93 31.62 25.06 -1.29
C ALA B 93 33.09 24.85 -0.95
N LYS B 94 33.38 24.62 0.32
CA LYS B 94 34.76 24.42 0.73
C LYS B 94 35.33 23.12 0.16
N ALA B 95 34.47 22.16 -0.13
CA ALA B 95 34.93 20.89 -0.68
C ALA B 95 35.32 21.06 -2.14
N GLY B 96 35.08 22.26 -2.67
CA GLY B 96 35.43 22.52 -4.06
C GLY B 96 34.32 22.22 -5.04
N ILE B 97 33.08 22.27 -4.57
CA ILE B 97 31.94 22.02 -5.43
C ILE B 97 31.18 23.31 -5.65
N PRO B 98 30.92 23.67 -6.92
CA PRO B 98 30.19 24.91 -7.20
C PRO B 98 28.75 24.82 -6.71
N VAL B 99 28.47 25.52 -5.61
CA VAL B 99 27.13 25.57 -5.05
C VAL B 99 26.71 27.02 -4.89
N TYR B 100 25.52 27.33 -5.38
CA TYR B 100 24.98 28.68 -5.29
C TYR B 100 23.66 28.62 -4.55
N ALA B 101 23.73 28.86 -3.24
CA ALA B 101 22.54 28.83 -2.41
C ALA B 101 22.80 29.42 -1.03
N TRP B 102 21.79 30.07 -0.48
CA TRP B 102 21.86 30.64 0.85
C TRP B 102 20.43 30.92 1.29
N LYS B 103 20.20 30.90 2.59
CA LYS B 103 18.89 31.16 3.14
C LYS B 103 18.53 32.62 2.92
N GLY B 104 17.29 32.87 2.49
CA GLY B 104 16.85 34.23 2.27
C GLY B 104 17.15 34.83 0.92
N GLU B 105 17.15 34.01 -0.13
CA GLU B 105 17.41 34.51 -1.47
C GLU B 105 16.23 35.34 -1.96
N THR B 106 16.40 36.04 -3.06
CA THR B 106 15.30 36.81 -3.64
C THR B 106 14.93 36.00 -4.87
N ASP B 107 13.84 36.37 -5.53
CA ASP B 107 13.42 35.66 -6.72
C ASP B 107 14.47 35.77 -7.83
N GLU B 108 15.10 36.94 -7.94
CA GLU B 108 16.11 37.16 -8.96
C GLU B 108 17.35 36.34 -8.64
N GLU B 109 17.71 36.29 -7.36
CA GLU B 109 18.87 35.54 -6.94
C GLU B 109 18.64 34.04 -7.12
N TYR B 110 17.45 33.58 -6.78
CA TYR B 110 17.10 32.18 -6.92
C TYR B 110 17.37 31.75 -8.36
N LEU B 111 16.77 32.48 -9.28
CA LEU B 111 16.92 32.21 -10.70
C LEU B 111 18.39 32.29 -11.08
N TRP B 112 19.08 33.29 -10.53
CA TRP B 112 20.49 33.49 -10.81
C TRP B 112 21.33 32.31 -10.36
N CYS B 113 20.96 31.72 -9.23
CA CYS B 113 21.68 30.57 -8.69
C CYS B 113 21.58 29.32 -9.58
N ILE B 114 20.40 29.05 -10.10
CA ILE B 114 20.22 27.90 -10.96
C ILE B 114 21.05 28.10 -12.23
N GLU B 115 21.09 29.34 -12.71
CA GLU B 115 21.83 29.63 -13.92
C GLU B 115 23.34 29.39 -13.77
N GLN B 116 23.86 29.64 -12.57
CA GLN B 116 25.27 29.45 -12.28
C GLN B 116 25.67 27.97 -12.26
N THR B 117 24.68 27.09 -12.35
CA THR B 117 24.97 25.66 -12.33
C THR B 117 24.92 25.02 -13.71
N LEU B 118 24.34 25.71 -14.68
CA LEU B 118 24.22 25.17 -16.03
C LEU B 118 25.54 24.97 -16.76
N TYR B 119 26.52 25.82 -16.48
CA TYR B 119 27.82 25.71 -17.14
C TYR B 119 28.93 25.33 -16.19
N PHE B 120 29.67 24.29 -16.56
CA PHE B 120 30.77 23.80 -15.76
C PHE B 120 32.08 24.35 -16.30
N LYS B 121 33.16 24.08 -15.59
CA LYS B 121 34.48 24.55 -16.00
C LYS B 121 34.81 24.16 -17.44
N ASP B 122 34.51 22.92 -17.81
CA ASP B 122 34.85 22.44 -19.14
C ASP B 122 33.66 22.21 -20.07
N GLY B 123 32.52 22.80 -19.77
CA GLY B 123 31.37 22.62 -20.62
C GLY B 123 30.07 22.62 -19.86
N PRO B 124 28.94 22.67 -20.59
CA PRO B 124 27.58 22.69 -20.05
C PRO B 124 27.20 21.34 -19.43
N LEU B 125 26.15 21.35 -18.61
CA LEU B 125 25.68 20.14 -17.94
C LEU B 125 25.24 19.10 -18.95
N ASN B 126 25.13 17.85 -18.50
CA ASN B 126 24.68 16.76 -19.35
C ASN B 126 23.68 15.89 -18.59
N MET B 127 23.42 16.28 -17.34
CA MET B 127 22.49 15.55 -16.48
C MET B 127 21.76 16.50 -15.53
N ILE B 128 20.46 16.26 -15.35
CA ILE B 128 19.65 17.09 -14.47
C ILE B 128 19.07 16.29 -13.30
N LEU B 129 19.31 16.78 -12.10
CA LEU B 129 18.77 16.16 -10.89
C LEU B 129 17.90 17.31 -10.36
N ASP B 130 16.58 17.12 -10.43
CA ASP B 130 15.66 18.18 -10.05
C ASP B 130 14.70 17.80 -8.93
N ASP B 131 14.19 18.83 -8.27
CA ASP B 131 13.21 18.68 -7.20
C ASP B 131 12.23 19.85 -7.34
N GLY B 132 11.21 19.66 -8.17
CA GLY B 132 10.22 20.70 -8.37
C GLY B 132 10.06 21.04 -9.85
N GLY B 133 11.05 20.68 -10.65
CA GLY B 133 10.97 20.96 -12.07
C GLY B 133 11.45 22.34 -12.50
N ASP B 134 11.95 23.13 -11.54
CA ASP B 134 12.45 24.47 -11.86
C ASP B 134 13.59 24.42 -12.85
N LEU B 135 14.63 23.69 -12.47
CA LEU B 135 15.82 23.54 -13.29
C LEU B 135 15.44 22.98 -14.66
N THR B 136 14.52 22.02 -14.64
CA THR B 136 14.07 21.40 -15.88
C THR B 136 13.40 22.43 -16.76
N ASN B 137 12.54 23.27 -16.17
CA ASN B 137 11.84 24.30 -16.92
C ASN B 137 12.77 25.39 -17.41
N LEU B 138 13.62 25.88 -16.51
CA LEU B 138 14.56 26.93 -16.85
C LEU B 138 15.30 26.59 -18.14
N ILE B 139 15.86 25.39 -18.20
CA ILE B 139 16.60 24.94 -19.38
C ILE B 139 15.73 24.82 -20.62
N HIS B 140 14.61 24.10 -20.51
CA HIS B 140 13.73 23.92 -21.65
C HIS B 140 13.23 25.26 -22.21
N THR B 141 12.88 26.18 -21.32
CA THR B 141 12.36 27.47 -21.75
C THR B 141 13.41 28.54 -22.06
N LYS B 142 14.43 28.66 -21.21
CA LYS B 142 15.45 29.69 -21.43
C LYS B 142 16.76 29.19 -22.03
N TYR B 143 17.00 27.89 -21.97
CA TYR B 143 18.24 27.34 -22.53
C TYR B 143 17.99 26.12 -23.40
N PRO B 144 17.04 26.21 -24.33
CA PRO B 144 16.79 25.02 -25.16
C PRO B 144 18.05 24.51 -25.87
N GLN B 145 18.98 25.43 -26.15
CA GLN B 145 20.23 25.07 -26.84
C GLN B 145 21.05 24.04 -26.08
N LEU B 146 20.85 23.96 -24.76
CA LEU B 146 21.59 23.01 -23.93
C LEU B 146 20.92 21.63 -23.84
N LEU B 147 19.66 21.55 -24.27
CA LEU B 147 18.90 20.30 -24.22
C LEU B 147 19.54 19.09 -24.91
N PRO B 148 20.01 19.25 -26.17
CA PRO B 148 20.60 18.06 -26.81
C PRO B 148 21.80 17.40 -26.11
N GLY B 149 22.52 18.15 -25.29
CA GLY B 149 23.68 17.57 -24.62
C GLY B 149 23.37 17.06 -23.23
N ILE B 150 22.09 16.97 -22.90
CA ILE B 150 21.65 16.48 -21.59
C ILE B 150 21.11 15.07 -21.79
N ARG B 151 21.77 14.10 -21.19
CA ARG B 151 21.38 12.70 -21.33
C ARG B 151 20.09 12.33 -20.61
N GLY B 152 19.93 12.78 -19.36
CA GLY B 152 18.73 12.45 -18.63
C GLY B 152 18.34 13.40 -17.49
N ILE B 153 17.12 13.20 -17.01
CA ILE B 153 16.55 13.99 -15.92
C ILE B 153 15.93 13.04 -14.89
N SER B 154 16.06 13.38 -13.62
CA SER B 154 15.46 12.58 -12.56
C SER B 154 14.67 13.57 -11.71
N GLU B 155 13.42 13.24 -11.43
CA GLU B 155 12.53 14.10 -10.65
C GLU B 155 11.90 13.36 -9.47
N GLU B 156 11.91 13.98 -8.29
CA GLU B 156 11.37 13.34 -7.11
C GLU B 156 10.13 13.98 -6.50
N THR B 157 9.57 15.00 -7.15
CA THR B 157 8.38 15.62 -6.59
C THR B 157 7.16 15.43 -7.48
N THR B 158 5.98 15.50 -6.87
CA THR B 158 4.73 15.35 -7.59
C THR B 158 4.56 16.47 -8.62
N THR B 159 4.85 17.70 -8.20
CA THR B 159 4.75 18.85 -9.08
C THR B 159 5.69 18.66 -10.26
N GLY B 160 6.93 18.28 -9.97
CA GLY B 160 7.88 18.08 -11.04
C GLY B 160 7.39 17.03 -12.02
N VAL B 161 6.93 15.90 -11.48
CA VAL B 161 6.44 14.82 -12.33
C VAL B 161 5.23 15.26 -13.16
N HIS B 162 4.23 15.85 -12.51
CA HIS B 162 3.07 16.29 -13.27
C HIS B 162 3.53 17.20 -14.40
N ASN B 163 4.44 18.11 -14.07
CA ASN B 163 4.97 19.05 -15.04
C ASN B 163 5.55 18.28 -16.23
N LEU B 164 6.44 17.34 -15.95
CA LEU B 164 7.05 16.54 -17.02
C LEU B 164 5.97 15.93 -17.90
N TYR B 165 4.86 15.53 -17.29
CA TYR B 165 3.77 14.93 -18.04
C TYR B 165 3.12 15.93 -18.99
N LYS B 166 2.87 17.14 -18.51
CA LYS B 166 2.28 18.15 -19.37
C LYS B 166 3.27 18.41 -20.51
N MET B 167 4.52 18.61 -20.14
CA MET B 167 5.56 18.85 -21.14
C MET B 167 5.54 17.78 -22.20
N MET B 168 5.75 16.53 -21.78
CA MET B 168 5.75 15.41 -22.72
C MET B 168 4.47 15.43 -23.55
N ALA B 169 3.34 15.65 -22.89
CA ALA B 169 2.07 15.68 -23.60
C ALA B 169 2.08 16.72 -24.71
N ASN B 170 2.66 17.88 -24.44
CA ASN B 170 2.70 18.96 -25.42
C ASN B 170 3.94 18.99 -26.30
N GLY B 171 4.72 17.91 -26.26
CA GLY B 171 5.93 17.84 -27.09
C GLY B 171 7.08 18.73 -26.67
N ILE B 172 7.00 19.32 -25.48
CA ILE B 172 8.07 20.18 -25.00
C ILE B 172 9.25 19.41 -24.39
N LEU B 173 8.95 18.32 -23.70
CA LEU B 173 10.01 17.53 -23.08
C LEU B 173 10.96 17.04 -24.17
N LYS B 174 12.25 17.34 -24.01
CA LYS B 174 13.26 16.96 -24.98
C LYS B 174 14.32 16.05 -24.40
N VAL B 175 14.18 15.73 -23.11
CA VAL B 175 15.15 14.87 -22.46
C VAL B 175 14.46 13.76 -21.69
N PRO B 176 15.01 12.53 -21.75
CA PRO B 176 14.43 11.39 -21.04
C PRO B 176 14.42 11.71 -19.56
N ALA B 177 13.32 11.39 -18.88
CA ALA B 177 13.25 11.68 -17.46
C ALA B 177 12.77 10.47 -16.66
N ILE B 178 13.32 10.31 -15.46
CA ILE B 178 12.92 9.22 -14.58
C ILE B 178 12.24 9.79 -13.33
N ASN B 179 11.01 9.33 -13.10
CA ASN B 179 10.22 9.76 -11.95
C ASN B 179 10.43 8.81 -10.78
N VAL B 180 11.02 9.32 -9.70
CA VAL B 180 11.25 8.50 -8.51
C VAL B 180 10.26 8.91 -7.43
N ASN B 181 9.45 9.92 -7.73
CA ASN B 181 8.44 10.37 -6.78
C ASN B 181 7.48 9.24 -6.43
N ASP B 182 7.23 8.37 -7.41
CA ASP B 182 6.29 7.27 -7.22
C ASP B 182 6.91 5.91 -6.88
N SER B 183 8.17 5.92 -6.49
CA SER B 183 8.79 4.66 -6.12
C SER B 183 8.38 4.42 -4.68
N VAL B 184 8.26 3.16 -4.30
CA VAL B 184 7.85 2.79 -2.95
C VAL B 184 8.75 3.35 -1.85
N THR B 185 10.05 3.15 -1.99
CA THR B 185 10.98 3.64 -0.97
C THR B 185 10.92 5.15 -0.80
N LYS B 186 10.78 5.86 -1.90
CA LYS B 186 10.70 7.31 -1.85
C LYS B 186 9.37 7.75 -1.25
N SER B 187 8.27 7.32 -1.86
CA SER B 187 6.94 7.72 -1.39
C SER B 187 6.63 7.35 0.06
N LYS B 188 6.89 6.12 0.47
CA LYS B 188 6.59 5.73 1.84
C LYS B 188 7.35 6.59 2.85
N PHE B 189 8.64 6.76 2.63
CA PHE B 189 9.45 7.57 3.53
C PHE B 189 9.16 9.05 3.44
N ASP B 190 8.97 9.55 2.23
CA ASP B 190 8.71 10.97 2.04
C ASP B 190 7.32 11.39 2.49
N ASN B 191 6.35 10.49 2.41
CA ASN B 191 4.99 10.81 2.82
C ASN B 191 4.61 10.27 4.20
N LEU B 192 4.63 8.95 4.34
CA LEU B 192 4.22 8.31 5.57
C LEU B 192 5.20 8.35 6.73
N TYR B 193 6.34 7.69 6.58
CA TYR B 193 7.35 7.67 7.64
C TYR B 193 7.88 9.03 8.01
N GLY B 194 8.18 9.84 7.00
CA GLY B 194 8.71 11.17 7.27
C GLY B 194 7.84 11.99 8.19
N CYS B 195 6.56 12.13 7.84
CA CYS B 195 5.63 12.90 8.64
C CYS B 195 5.30 12.24 9.97
N ARG B 196 5.40 10.92 10.03
CA ARG B 196 5.11 10.21 11.27
C ARG B 196 6.14 10.55 12.35
N GLU B 197 7.34 10.91 11.91
CA GLU B 197 8.43 11.25 12.80
C GLU B 197 8.42 12.71 13.24
N SER B 198 7.94 13.59 12.38
CA SER B 198 7.97 15.01 12.68
C SER B 198 6.72 15.76 13.12
N LEU B 199 5.53 15.26 12.77
CA LEU B 199 4.29 15.94 13.16
C LEU B 199 4.29 16.38 14.60
N ILE B 200 4.34 15.42 15.51
CA ILE B 200 4.31 15.70 16.94
C ILE B 200 5.51 16.48 17.41
N ASP B 201 6.62 16.33 16.71
CA ASP B 201 7.84 17.04 17.04
C ASP B 201 7.57 18.54 16.82
N GLY B 202 6.91 18.85 15.71
CA GLY B 202 6.59 20.23 15.41
C GLY B 202 5.59 20.79 16.40
N ILE B 203 4.53 20.04 16.67
CA ILE B 203 3.50 20.49 17.60
C ILE B 203 4.09 20.73 18.98
N LYS B 204 5.00 19.85 19.39
CA LYS B 204 5.64 19.98 20.70
C LYS B 204 6.52 21.24 20.79
N ARG B 205 7.42 21.41 19.83
CA ARG B 205 8.29 22.58 19.85
C ARG B 205 7.46 23.87 19.85
N ALA B 206 6.35 23.84 19.13
CA ALA B 206 5.49 25.00 19.05
C ALA B 206 4.69 25.24 20.33
N THR B 207 4.21 24.17 20.96
CA THR B 207 3.38 24.34 22.14
C THR B 207 3.80 23.56 23.38
N ASP B 208 4.53 22.47 23.20
CA ASP B 208 4.95 21.65 24.33
C ASP B 208 3.71 21.11 25.01
N VAL B 209 2.61 21.04 24.28
CA VAL B 209 1.35 20.55 24.85
C VAL B 209 1.33 19.04 25.05
N MET B 210 0.48 18.60 25.97
CA MET B 210 0.31 17.18 26.24
C MET B 210 -0.57 16.59 25.15
N ILE B 211 -0.06 15.58 24.45
CA ILE B 211 -0.80 14.95 23.37
C ILE B 211 -1.82 13.95 23.91
N ALA B 212 -1.38 13.07 24.79
CA ALA B 212 -2.27 12.08 25.38
C ALA B 212 -3.52 12.73 25.92
N GLY B 213 -4.66 12.09 25.71
CA GLY B 213 -5.92 12.63 26.21
C GLY B 213 -6.60 13.61 25.28
N LYS B 214 -5.89 14.07 24.27
CA LYS B 214 -6.48 15.02 23.33
C LYS B 214 -7.11 14.32 22.15
N VAL B 215 -8.07 14.99 21.53
CA VAL B 215 -8.76 14.48 20.37
C VAL B 215 -8.06 15.15 19.19
N ALA B 216 -7.47 14.34 18.33
CA ALA B 216 -6.76 14.88 17.18
C ALA B 216 -7.55 14.58 15.94
N VAL B 217 -7.90 15.63 15.21
CA VAL B 217 -8.66 15.43 13.98
C VAL B 217 -7.66 15.53 12.84
N VAL B 218 -7.53 14.44 12.09
CA VAL B 218 -6.61 14.41 10.96
C VAL B 218 -7.43 14.35 9.69
N ALA B 219 -7.37 15.41 8.89
CA ALA B 219 -8.10 15.47 7.64
C ALA B 219 -7.30 14.78 6.56
N GLY B 220 -7.83 13.67 6.07
CA GLY B 220 -7.14 12.91 5.06
C GLY B 220 -6.49 11.68 5.65
N TYR B 221 -6.56 10.58 4.93
CA TYR B 221 -5.97 9.35 5.39
C TYR B 221 -5.14 8.73 4.27
N GLY B 222 -4.33 9.56 3.62
CA GLY B 222 -3.44 9.09 2.59
C GLY B 222 -2.19 8.67 3.35
N ASP B 223 -1.01 8.76 2.75
CA ASP B 223 0.17 8.37 3.50
C ASP B 223 0.47 9.35 4.63
N VAL B 224 0.34 10.65 4.35
CA VAL B 224 0.60 11.65 5.38
C VAL B 224 -0.39 11.46 6.53
N GLY B 225 -1.67 11.33 6.19
CA GLY B 225 -2.69 11.13 7.19
C GLY B 225 -2.44 9.86 7.99
N LYS B 226 -2.10 8.78 7.30
CA LYS B 226 -1.83 7.51 7.97
C LYS B 226 -0.70 7.69 8.98
N GLY B 227 0.40 8.28 8.53
CA GLY B 227 1.54 8.52 9.39
C GLY B 227 1.21 9.42 10.57
N CYS B 228 0.42 10.46 10.34
CA CYS B 228 0.05 11.38 11.41
C CYS B 228 -0.86 10.72 12.42
N ALA B 229 -1.88 10.02 11.92
CA ALA B 229 -2.83 9.34 12.80
C ALA B 229 -2.10 8.31 13.68
N GLN B 230 -1.12 7.63 13.08
CA GLN B 230 -0.35 6.63 13.79
C GLN B 230 0.47 7.30 14.90
N ALA B 231 1.23 8.32 14.53
CA ALA B 231 2.04 9.05 15.50
C ALA B 231 1.16 9.50 16.68
N LEU B 232 0.07 10.20 16.36
CA LEU B 232 -0.85 10.71 17.37
C LEU B 232 -1.40 9.61 18.28
N ARG B 233 -1.87 8.52 17.67
CA ARG B 233 -2.42 7.41 18.42
C ARG B 233 -1.35 6.82 19.35
N GLY B 234 -0.11 6.81 18.88
CA GLY B 234 0.96 6.27 19.68
C GLY B 234 1.18 7.05 20.95
N PHE B 235 0.81 8.32 20.93
CA PHE B 235 0.97 9.20 22.07
C PHE B 235 -0.20 9.22 23.03
N GLY B 236 -1.26 8.49 22.72
CA GLY B 236 -2.40 8.45 23.61
C GLY B 236 -3.50 9.44 23.27
N ALA B 237 -3.52 9.89 22.02
CA ALA B 237 -4.55 10.82 21.60
C ALA B 237 -5.60 10.04 20.80
N ARG B 238 -6.87 10.38 20.99
CA ARG B 238 -7.96 9.74 20.26
C ARG B 238 -7.99 10.43 18.91
N VAL B 239 -7.70 9.66 17.86
CA VAL B 239 -7.64 10.21 16.51
C VAL B 239 -8.93 10.08 15.71
N ILE B 240 -9.38 11.18 15.14
CA ILE B 240 -10.58 11.19 14.32
C ILE B 240 -10.15 11.51 12.90
N ILE B 241 -10.60 10.71 11.94
CA ILE B 241 -10.25 10.89 10.54
C ILE B 241 -11.38 11.45 9.66
N THR B 242 -11.02 12.31 8.72
CA THR B 242 -11.99 12.85 7.76
C THR B 242 -11.42 12.43 6.42
N GLU B 243 -12.29 12.03 5.51
CA GLU B 243 -11.85 11.56 4.20
C GLU B 243 -12.93 11.70 3.13
N ILE B 244 -12.49 11.81 1.88
CA ILE B 244 -13.42 11.89 0.76
C ILE B 244 -13.35 10.60 -0.05
N ASP B 245 -12.29 9.83 0.17
CA ASP B 245 -12.10 8.57 -0.53
C ASP B 245 -12.57 7.41 0.35
N PRO B 246 -13.59 6.67 -0.10
CA PRO B 246 -14.17 5.53 0.64
C PRO B 246 -13.18 4.44 0.97
N ILE B 247 -12.17 4.25 0.13
CA ILE B 247 -11.18 3.21 0.38
C ILE B 247 -10.30 3.61 1.55
N ASN B 248 -9.81 4.84 1.54
CA ASN B 248 -8.99 5.32 2.63
C ASN B 248 -9.80 5.36 3.92
N ALA B 249 -11.04 5.84 3.82
CA ALA B 249 -11.92 5.91 4.96
C ALA B 249 -12.13 4.50 5.56
N LEU B 250 -12.31 3.51 4.69
CA LEU B 250 -12.51 2.15 5.15
C LEU B 250 -11.26 1.62 5.87
N GLN B 251 -10.09 1.99 5.37
CA GLN B 251 -8.84 1.56 5.97
C GLN B 251 -8.71 2.11 7.38
N ALA B 252 -9.09 3.38 7.54
CA ALA B 252 -9.02 4.05 8.83
C ALA B 252 -10.00 3.36 9.80
N ALA B 253 -11.18 3.02 9.29
CA ALA B 253 -12.19 2.34 10.09
C ALA B 253 -11.67 0.97 10.54
N MET B 254 -10.89 0.31 9.70
CA MET B 254 -10.34 -1.00 10.03
C MET B 254 -9.28 -0.92 11.11
N GLU B 255 -8.70 0.25 11.30
CA GLU B 255 -7.67 0.43 12.33
C GLU B 255 -8.31 0.97 13.59
N GLY B 256 -9.63 1.09 13.59
CA GLY B 256 -10.33 1.57 14.76
C GLY B 256 -10.40 3.07 14.90
N TYR B 257 -10.25 3.81 13.80
CA TYR B 257 -10.35 5.26 13.85
C TYR B 257 -11.76 5.68 13.49
N GLU B 258 -12.35 6.54 14.30
CA GLU B 258 -13.68 7.03 13.99
C GLU B 258 -13.49 7.94 12.77
N VAL B 259 -14.28 7.73 11.74
CA VAL B 259 -14.19 8.56 10.54
C VAL B 259 -15.46 9.37 10.37
N THR B 260 -15.34 10.69 10.51
CA THR B 260 -16.49 11.56 10.34
C THR B 260 -16.09 12.80 9.56
N THR B 261 -17.01 13.74 9.41
CA THR B 261 -16.73 14.96 8.65
C THR B 261 -16.18 16.05 9.55
N MET B 262 -15.41 16.95 8.94
CA MET B 262 -14.83 18.06 9.66
C MET B 262 -15.95 18.91 10.26
N ASP B 263 -17.02 19.08 9.49
CA ASP B 263 -18.16 19.88 9.97
C ASP B 263 -18.59 19.39 11.34
N GLU B 264 -18.38 18.11 11.60
CA GLU B 264 -18.74 17.50 12.86
C GLU B 264 -17.57 17.48 13.87
N ALA B 265 -16.42 16.97 13.44
CA ALA B 265 -15.25 16.87 14.30
C ALA B 265 -14.68 18.21 14.78
N CYS B 266 -14.99 19.29 14.06
CA CYS B 266 -14.48 20.60 14.45
C CYS B 266 -14.93 21.03 15.84
N GLN B 267 -16.04 20.45 16.28
CA GLN B 267 -16.59 20.77 17.60
C GLN B 267 -15.95 19.93 18.68
N GLU B 268 -15.21 18.91 18.27
CA GLU B 268 -14.59 18.02 19.24
C GLU B 268 -13.06 17.99 19.32
N GLY B 269 -12.38 18.29 18.20
CA GLY B 269 -10.94 18.24 18.21
C GLY B 269 -10.19 19.25 19.06
N ASN B 270 -9.10 18.80 19.68
CA ASN B 270 -8.25 19.67 20.50
C ASN B 270 -7.10 20.07 19.59
N ILE B 271 -6.81 19.20 18.63
CA ILE B 271 -5.73 19.40 17.68
C ILE B 271 -6.28 19.07 16.30
N PHE B 272 -5.90 19.87 15.32
CA PHE B 272 -6.35 19.65 13.95
C PHE B 272 -5.14 19.58 13.02
N VAL B 273 -5.11 18.56 12.18
CA VAL B 273 -4.01 18.39 11.25
C VAL B 273 -4.57 18.08 9.86
N THR B 274 -4.22 18.91 8.89
CA THR B 274 -4.67 18.71 7.52
C THR B 274 -3.57 18.08 6.69
N THR B 275 -3.89 17.01 5.97
CA THR B 275 -2.91 16.28 5.15
C THR B 275 -3.51 15.92 3.80
N THR B 276 -4.61 16.56 3.46
CA THR B 276 -5.35 16.26 2.23
C THR B 276 -4.74 16.68 0.90
N GLY B 277 -4.00 17.78 0.89
CA GLY B 277 -3.44 18.25 -0.36
C GLY B 277 -4.55 18.94 -1.14
N CYS B 278 -5.64 19.24 -0.45
CA CYS B 278 -6.82 19.88 -1.02
C CYS B 278 -7.09 21.22 -0.34
N ILE B 279 -7.88 22.08 -0.97
CA ILE B 279 -8.19 23.38 -0.39
C ILE B 279 -9.45 23.36 0.49
N ASP B 280 -9.62 24.43 1.25
CA ASP B 280 -10.78 24.60 2.11
C ASP B 280 -11.09 23.41 3.02
N ILE B 281 -10.13 23.01 3.85
CA ILE B 281 -10.34 21.89 4.75
C ILE B 281 -10.87 22.43 6.06
N ILE B 282 -10.18 23.42 6.61
CA ILE B 282 -10.61 24.03 7.85
C ILE B 282 -11.00 25.47 7.54
N LEU B 283 -12.31 25.72 7.58
CA LEU B 283 -12.86 27.02 7.27
C LEU B 283 -13.29 27.77 8.52
N GLY B 284 -13.72 29.02 8.34
CA GLY B 284 -14.15 29.82 9.47
C GLY B 284 -15.28 29.21 10.27
N ARG B 285 -16.21 28.56 9.57
CA ARG B 285 -17.33 27.95 10.27
C ARG B 285 -16.86 26.82 11.18
N HIS B 286 -15.67 26.30 10.91
CA HIS B 286 -15.12 25.23 11.74
C HIS B 286 -14.47 25.90 12.95
N PHE B 287 -13.70 26.95 12.68
CA PHE B 287 -13.02 27.70 13.72
C PHE B 287 -13.98 28.18 14.82
N GLU B 288 -15.12 28.71 14.39
CA GLU B 288 -16.11 29.23 15.33
C GLU B 288 -16.68 28.15 16.23
N GLN B 289 -16.42 26.90 15.87
CA GLN B 289 -16.92 25.76 16.61
C GLN B 289 -15.88 25.11 17.52
N MET B 290 -14.61 25.34 17.23
CA MET B 290 -13.53 24.73 18.00
C MET B 290 -13.46 25.09 19.46
N LYS B 291 -12.88 24.18 20.24
CA LYS B 291 -12.71 24.40 21.67
C LYS B 291 -11.64 25.46 21.82
N ASP B 292 -11.64 26.10 22.98
CA ASP B 292 -10.68 27.14 23.26
C ASP B 292 -9.25 26.58 23.15
N ASP B 293 -8.39 27.37 22.52
CA ASP B 293 -6.99 27.01 22.31
C ASP B 293 -6.74 25.78 21.47
N ALA B 294 -7.65 25.48 20.57
CA ALA B 294 -7.47 24.34 19.68
C ALA B 294 -6.23 24.63 18.86
N ILE B 295 -5.40 23.60 18.67
CA ILE B 295 -4.19 23.73 17.89
C ILE B 295 -4.55 23.29 16.47
N VAL B 296 -4.25 24.17 15.52
CA VAL B 296 -4.56 23.91 14.12
C VAL B 296 -3.28 23.95 13.28
N CYS B 297 -3.04 22.90 12.51
CA CYS B 297 -1.85 22.88 11.70
C CYS B 297 -2.01 22.09 10.42
N ASN B 298 -1.16 22.39 9.46
CA ASN B 298 -1.18 21.77 8.16
C ASN B 298 0.15 21.08 7.89
N ILE B 299 0.09 19.84 7.44
CA ILE B 299 1.30 19.11 7.15
C ILE B 299 1.10 18.54 5.74
N GLY B 300 0.13 19.11 5.05
CA GLY B 300 -0.18 18.69 3.70
C GLY B 300 0.32 19.60 2.60
N HIS B 301 -0.59 20.27 1.90
CA HIS B 301 -0.23 21.15 0.79
C HIS B 301 0.04 22.59 1.20
N PHE B 302 1.28 23.03 0.95
CA PHE B 302 1.77 24.37 1.27
C PHE B 302 0.90 25.18 2.22
N ASP B 303 -0.17 25.82 1.73
CA ASP B 303 -1.01 26.60 2.63
C ASP B 303 -2.46 26.80 2.15
N VAL B 304 -2.95 25.88 1.33
CA VAL B 304 -4.30 25.99 0.80
C VAL B 304 -5.34 25.22 1.61
N GLU B 305 -4.87 24.40 2.55
CA GLU B 305 -5.75 23.56 3.36
C GLU B 305 -6.50 24.26 4.48
N ILE B 306 -5.82 25.16 5.18
CA ILE B 306 -6.45 25.91 6.25
C ILE B 306 -6.73 27.33 5.78
N ASP B 307 -7.95 27.81 6.04
CA ASP B 307 -8.31 29.16 5.64
C ASP B 307 -7.73 30.16 6.64
N VAL B 308 -6.43 30.39 6.51
CA VAL B 308 -5.72 31.31 7.38
C VAL B 308 -6.13 32.74 7.10
N LYS B 309 -6.53 33.01 5.87
CA LYS B 309 -6.96 34.34 5.51
C LYS B 309 -8.19 34.71 6.31
N TRP B 310 -9.08 33.75 6.51
CA TRP B 310 -10.30 33.99 7.28
C TRP B 310 -9.93 34.41 8.71
N LEU B 311 -8.94 33.74 9.28
CA LEU B 311 -8.51 34.06 10.64
C LEU B 311 -8.01 35.48 10.70
N ASN B 312 -7.12 35.82 9.78
CA ASN B 312 -6.56 37.16 9.75
C ASN B 312 -7.65 38.24 9.60
N GLU B 313 -8.73 37.92 8.90
CA GLU B 313 -9.79 38.89 8.68
C GLU B 313 -10.95 38.79 9.65
N ASN B 314 -10.95 37.79 10.54
CA ASN B 314 -12.08 37.66 11.45
C ASN B 314 -11.77 37.58 12.93
N ALA B 315 -10.52 37.31 13.27
CA ALA B 315 -10.12 37.22 14.66
C ALA B 315 -10.12 38.62 15.25
N VAL B 316 -10.29 38.68 16.57
CA VAL B 316 -10.26 39.95 17.28
C VAL B 316 -8.78 40.19 17.62
N GLU B 317 -8.03 39.10 17.78
CA GLU B 317 -6.60 39.18 18.09
C GLU B 317 -5.78 38.16 17.30
N LYS B 318 -4.52 38.51 17.10
CA LYS B 318 -3.55 37.67 16.42
C LYS B 318 -2.27 37.93 17.18
N VAL B 319 -2.05 37.15 18.23
CA VAL B 319 -0.85 37.30 19.04
C VAL B 319 0.20 36.26 18.70
N ASN B 320 1.41 36.70 18.44
CA ASN B 320 2.51 35.79 18.15
C ASN B 320 3.02 35.23 19.48
N ILE B 321 3.07 33.91 19.59
CA ILE B 321 3.53 33.27 20.82
C ILE B 321 5.04 33.06 20.74
N LYS B 322 5.50 32.75 19.53
CA LYS B 322 6.91 32.52 19.25
C LYS B 322 6.90 32.32 17.74
N PRO B 323 8.07 32.32 17.11
CA PRO B 323 8.12 32.13 15.65
C PRO B 323 7.29 30.93 15.19
N GLN B 324 6.47 31.14 14.17
CA GLN B 324 5.63 30.09 13.60
C GLN B 324 4.54 29.57 14.53
N VAL B 325 4.19 30.35 15.54
CA VAL B 325 3.14 29.96 16.47
C VAL B 325 2.32 31.20 16.77
N ASP B 326 1.08 31.22 16.28
CA ASP B 326 0.21 32.37 16.48
C ASP B 326 -1.11 32.02 17.15
N ARG B 327 -1.43 32.77 18.21
CA ARG B 327 -2.64 32.54 18.95
C ARG B 327 -3.69 33.58 18.56
N TYR B 328 -4.72 33.15 17.85
CA TYR B 328 -5.78 34.06 17.44
C TYR B 328 -6.91 34.01 18.45
N ARG B 329 -7.53 35.16 18.69
CA ARG B 329 -8.68 35.24 19.59
C ARG B 329 -9.86 35.60 18.68
N LEU B 330 -10.97 34.88 18.82
CA LEU B 330 -12.14 35.11 17.97
C LEU B 330 -13.24 35.94 18.63
N LYS B 331 -14.24 36.32 17.84
CA LYS B 331 -15.35 37.12 18.35
C LYS B 331 -16.06 36.40 19.48
N ASN B 332 -16.11 35.07 19.39
CA ASN B 332 -16.77 34.27 20.42
C ASN B 332 -15.90 34.17 21.68
N GLY B 333 -14.77 34.84 21.69
CA GLY B 333 -13.88 34.83 22.85
C GLY B 333 -12.90 33.69 22.97
N ARG B 334 -13.01 32.70 22.09
CA ARG B 334 -12.11 31.54 22.12
C ARG B 334 -10.87 31.82 21.28
N ARG B 335 -9.78 31.10 21.55
CA ARG B 335 -8.56 31.30 20.80
C ARG B 335 -8.14 30.10 19.99
N ILE B 336 -7.56 30.37 18.83
CA ILE B 336 -7.08 29.32 17.95
C ILE B 336 -5.56 29.42 17.86
N ILE B 337 -4.87 28.32 18.15
CA ILE B 337 -3.41 28.32 18.06
C ILE B 337 -3.02 27.78 16.69
N LEU B 338 -2.64 28.68 15.79
CA LEU B 338 -2.26 28.30 14.43
C LEU B 338 -0.74 28.11 14.36
N LEU B 339 -0.31 27.01 13.75
CA LEU B 339 1.12 26.74 13.65
C LEU B 339 1.64 26.99 12.24
N ALA B 340 2.90 27.38 12.16
CA ALA B 340 3.57 27.65 10.89
C ALA B 340 2.72 28.46 9.91
N GLU B 341 1.91 29.35 10.46
CA GLU B 341 1.03 30.23 9.66
C GLU B 341 0.18 29.48 8.64
N GLY B 342 -0.18 28.24 8.95
CA GLY B 342 -0.99 27.47 8.03
C GLY B 342 -0.17 26.73 7.00
N ARG B 343 1.15 26.83 7.12
CA ARG B 343 2.03 26.13 6.19
C ARG B 343 2.44 24.81 6.82
N LEU B 344 3.46 24.15 6.26
CA LEU B 344 3.89 22.86 6.79
C LEU B 344 4.44 22.99 8.20
N VAL B 345 3.78 22.30 9.13
CA VAL B 345 4.17 22.35 10.53
C VAL B 345 5.54 21.71 10.77
N ASN B 346 5.85 20.64 10.05
CA ASN B 346 7.13 19.96 10.25
C ASN B 346 8.31 20.75 9.68
N LEU B 347 8.02 21.82 8.95
CA LEU B 347 9.08 22.65 8.40
C LEU B 347 9.26 23.92 9.24
N GLY B 348 8.14 24.56 9.60
CA GLY B 348 8.20 25.78 10.38
C GLY B 348 8.36 25.60 11.87
N CYS B 349 7.97 24.42 12.38
CA CYS B 349 8.06 24.17 13.82
C CYS B 349 8.95 23.01 14.18
N ALA B 350 9.59 22.43 13.16
CA ALA B 350 10.49 21.30 13.37
C ALA B 350 11.67 21.41 12.42
N MET B 351 12.43 20.33 12.28
CA MET B 351 13.59 20.34 11.41
C MET B 351 13.38 19.56 10.13
N GLY B 352 12.12 19.46 9.71
CA GLY B 352 11.81 18.72 8.50
C GLY B 352 11.98 17.23 8.67
N HIS B 353 12.12 16.53 7.55
CA HIS B 353 12.28 15.09 7.55
C HIS B 353 13.61 14.64 8.14
N PRO B 354 13.59 13.52 8.86
CA PRO B 354 14.79 12.96 9.49
C PRO B 354 15.78 12.60 8.37
N SER B 355 17.07 12.59 8.68
CA SER B 355 18.06 12.25 7.68
C SER B 355 17.80 10.91 7.01
N PHE B 356 17.35 9.92 7.78
CA PHE B 356 17.09 8.58 7.24
C PHE B 356 16.05 8.62 6.13
N VAL B 357 15.00 9.42 6.34
CA VAL B 357 13.93 9.58 5.37
C VAL B 357 14.47 10.16 4.07
N MET B 358 15.21 11.26 4.19
CA MET B 358 15.79 11.92 3.04
C MET B 358 16.73 10.99 2.28
N SER B 359 17.39 10.11 3.02
CA SER B 359 18.31 9.16 2.41
C SER B 359 17.61 8.30 1.36
N ASN B 360 16.38 7.90 1.67
CA ASN B 360 15.61 7.09 0.75
C ASN B 360 15.25 7.86 -0.52
N SER B 361 14.90 9.14 -0.34
CA SER B 361 14.56 9.98 -1.49
C SER B 361 15.79 10.19 -2.35
N PHE B 362 16.88 10.62 -1.72
CA PHE B 362 18.12 10.90 -2.42
C PHE B 362 18.82 9.67 -3.00
N THR B 363 18.70 8.54 -2.33
CA THR B 363 19.32 7.34 -2.87
C THR B 363 18.57 6.98 -4.14
N ASN B 364 17.28 7.33 -4.17
CA ASN B 364 16.46 7.10 -5.35
C ASN B 364 17.01 7.97 -6.48
N GLN B 365 17.40 9.20 -6.14
CA GLN B 365 17.95 10.14 -7.12
C GLN B 365 19.23 9.57 -7.72
N VAL B 366 20.13 9.09 -6.86
CA VAL B 366 21.38 8.50 -7.32
C VAL B 366 21.06 7.37 -8.30
N MET B 367 20.16 6.48 -7.90
CA MET B 367 19.77 5.38 -8.77
C MET B 367 19.36 5.87 -10.15
N ALA B 368 18.47 6.86 -10.18
CA ALA B 368 17.98 7.44 -11.43
C ALA B 368 19.11 8.02 -12.25
N GLN B 369 20.01 8.75 -11.61
CA GLN B 369 21.15 9.35 -12.29
C GLN B 369 22.01 8.28 -12.96
N ILE B 370 22.37 7.26 -12.19
CA ILE B 370 23.17 6.16 -12.70
C ILE B 370 22.49 5.46 -13.87
N GLU B 371 21.18 5.28 -13.77
CA GLU B 371 20.40 4.62 -14.82
C GLU B 371 20.42 5.34 -16.16
N LEU B 372 20.10 6.63 -16.14
CA LEU B 372 20.06 7.42 -17.36
C LEU B 372 21.45 7.61 -17.97
N TRP B 373 22.45 7.81 -17.11
CA TRP B 373 23.81 8.02 -17.58
C TRP B 373 24.46 6.78 -18.18
N THR B 374 24.23 5.62 -17.56
CA THR B 374 24.82 4.37 -18.04
C THR B 374 23.97 3.60 -19.05
N HIS B 375 22.65 3.83 -19.02
CA HIS B 375 21.77 3.12 -19.94
C HIS B 375 20.83 4.06 -20.70
N PRO B 376 21.41 4.99 -21.48
CA PRO B 376 20.63 5.95 -22.27
C PRO B 376 19.71 5.18 -23.21
N ASP B 377 20.31 4.22 -23.91
CA ASP B 377 19.61 3.38 -24.87
C ASP B 377 18.24 2.88 -24.40
N LYS B 378 18.11 2.66 -23.08
CA LYS B 378 16.87 2.16 -22.51
C LYS B 378 15.81 3.22 -22.24
N TYR B 379 16.12 4.49 -22.49
CA TYR B 379 15.14 5.52 -22.21
C TYR B 379 14.86 6.57 -23.26
N PRO B 380 13.82 6.35 -24.08
CA PRO B 380 13.49 7.33 -25.09
C PRO B 380 12.96 8.55 -24.34
N VAL B 381 12.83 9.68 -25.03
CA VAL B 381 12.32 10.87 -24.37
C VAL B 381 10.95 10.54 -23.79
N GLY B 382 10.74 10.87 -22.52
CA GLY B 382 9.47 10.58 -21.88
C GLY B 382 9.64 10.42 -20.39
N VAL B 383 8.54 10.36 -19.65
CA VAL B 383 8.60 10.20 -18.20
C VAL B 383 8.59 8.72 -17.84
N HIS B 384 9.66 8.23 -17.24
CA HIS B 384 9.76 6.82 -16.88
C HIS B 384 9.80 6.57 -15.37
N PHE B 385 9.10 5.53 -14.93
CA PHE B 385 9.08 5.15 -13.52
C PHE B 385 10.40 4.46 -13.21
N LEU B 386 10.93 4.67 -12.02
CA LEU B 386 12.17 4.03 -11.64
C LEU B 386 11.90 2.53 -11.62
N PRO B 387 12.68 1.74 -12.38
CA PRO B 387 12.45 0.30 -12.37
C PRO B 387 12.42 -0.28 -10.96
N LYS B 388 11.48 -1.19 -10.72
CA LYS B 388 11.31 -1.81 -9.42
C LYS B 388 12.57 -2.41 -8.82
N LYS B 389 13.41 -3.00 -9.67
CA LYS B 389 14.62 -3.63 -9.17
C LYS B 389 15.52 -2.61 -8.47
N LEU B 390 15.47 -1.37 -8.94
CA LEU B 390 16.29 -0.31 -8.34
C LEU B 390 15.66 0.21 -7.05
N ASP B 391 14.33 0.24 -7.02
CA ASP B 391 13.60 0.68 -5.84
C ASP B 391 13.93 -0.29 -4.70
N GLU B 392 14.06 -1.58 -5.04
CA GLU B 392 14.38 -2.62 -4.05
C GLU B 392 15.82 -2.43 -3.59
N ALA B 393 16.68 -2.02 -4.52
CA ALA B 393 18.07 -1.77 -4.22
C ALA B 393 18.18 -0.58 -3.25
N VAL B 394 17.30 0.41 -3.41
CA VAL B 394 17.32 1.55 -2.50
C VAL B 394 17.03 1.01 -1.10
N ALA B 395 15.99 0.19 -1.00
CA ALA B 395 15.61 -0.39 0.29
C ALA B 395 16.70 -1.29 0.86
N GLU B 396 17.30 -2.12 0.01
CA GLU B 396 18.33 -3.03 0.48
C GLU B 396 19.51 -2.25 1.04
N ALA B 397 19.82 -1.14 0.39
CA ALA B 397 20.93 -0.28 0.81
C ALA B 397 20.74 0.25 2.23
N HIS B 398 19.50 0.27 2.71
CA HIS B 398 19.24 0.76 4.06
C HIS B 398 19.08 -0.37 5.09
N LEU B 399 19.04 -1.61 4.63
CA LEU B 399 18.87 -2.75 5.53
C LEU B 399 20.09 -3.03 6.40
N GLY B 400 21.27 -2.73 5.89
CA GLY B 400 22.49 -2.95 6.65
C GLY B 400 22.52 -2.16 7.95
N LYS B 401 22.21 -0.87 7.88
CA LYS B 401 22.22 -0.03 9.07
C LYS B 401 21.20 -0.55 10.08
N LEU B 402 20.00 -0.86 9.61
CA LEU B 402 18.96 -1.38 10.49
C LEU B 402 19.40 -2.74 10.99
N ASN B 403 20.49 -3.23 10.41
CA ASN B 403 21.05 -4.51 10.79
C ASN B 403 20.03 -5.64 10.55
N VAL B 404 19.27 -5.50 9.48
CA VAL B 404 18.28 -6.48 9.08
C VAL B 404 18.97 -7.52 8.21
N LYS B 405 18.68 -8.80 8.44
CA LYS B 405 19.28 -9.85 7.63
C LYS B 405 18.25 -10.39 6.66
N LEU B 406 18.35 -9.96 5.42
CA LEU B 406 17.45 -10.38 4.37
C LEU B 406 17.68 -11.85 4.02
N THR B 407 16.62 -12.54 3.64
CA THR B 407 16.73 -13.93 3.26
C THR B 407 16.91 -13.96 1.75
N LYS B 408 17.64 -14.95 1.24
CA LYS B 408 17.89 -15.07 -0.18
C LYS B 408 17.18 -16.32 -0.73
N LEU B 409 16.39 -16.15 -1.78
CA LEU B 409 15.70 -17.30 -2.35
C LEU B 409 16.68 -18.33 -2.89
N THR B 410 16.37 -19.61 -2.72
CA THR B 410 17.22 -20.66 -3.24
C THR B 410 16.82 -20.76 -4.71
N GLU B 411 17.63 -21.42 -5.54
CA GLU B 411 17.30 -21.54 -6.94
C GLU B 411 15.94 -22.24 -7.07
N LYS B 412 15.74 -23.26 -6.25
CA LYS B 412 14.49 -24.03 -6.25
C LYS B 412 13.31 -23.11 -5.92
N GLN B 413 13.48 -22.26 -4.92
CA GLN B 413 12.41 -21.33 -4.52
C GLN B 413 12.16 -20.28 -5.60
N ALA B 414 13.23 -19.72 -6.14
CA ALA B 414 13.11 -18.71 -7.19
C ALA B 414 12.40 -19.32 -8.40
N GLN B 415 12.83 -20.51 -8.81
CA GLN B 415 12.20 -21.16 -9.95
C GLN B 415 10.76 -21.44 -9.62
N TYR B 416 10.50 -21.83 -8.38
CA TYR B 416 9.13 -22.11 -7.97
C TYR B 416 8.29 -20.85 -8.05
N LEU B 417 8.86 -19.74 -7.57
CA LEU B 417 8.17 -18.44 -7.56
C LEU B 417 8.17 -17.73 -8.90
N GLY B 418 8.95 -18.23 -9.85
CA GLY B 418 9.01 -17.60 -11.15
C GLY B 418 9.67 -16.24 -11.12
N MET B 419 10.70 -16.09 -10.30
CA MET B 419 11.41 -14.83 -10.22
C MET B 419 12.89 -15.04 -10.02
N SER B 420 13.67 -14.00 -10.32
CA SER B 420 15.12 -14.09 -10.16
C SER B 420 15.50 -13.97 -8.69
N CYS B 421 16.57 -14.66 -8.31
CA CYS B 421 17.05 -14.61 -6.95
C CYS B 421 17.33 -13.17 -6.54
N ASP B 422 17.54 -12.31 -7.53
CA ASP B 422 17.86 -10.91 -7.25
C ASP B 422 16.70 -9.95 -7.48
N GLY B 423 15.50 -10.49 -7.74
CA GLY B 423 14.36 -9.63 -7.97
C GLY B 423 14.30 -9.24 -9.43
N PRO B 424 13.28 -8.48 -9.86
CA PRO B 424 12.19 -7.96 -9.01
C PRO B 424 11.39 -9.09 -8.32
N PHE B 425 10.99 -8.85 -7.09
CA PHE B 425 10.24 -9.83 -6.33
C PHE B 425 8.75 -9.61 -6.39
N LYS B 426 8.35 -8.47 -6.92
CA LYS B 426 6.93 -8.14 -7.00
C LYS B 426 6.54 -7.60 -8.36
N PRO B 427 5.26 -7.75 -8.73
CA PRO B 427 4.76 -7.26 -10.02
C PRO B 427 4.59 -5.73 -9.93
N ASP B 428 4.47 -5.07 -11.07
CA ASP B 428 4.35 -3.61 -11.08
C ASP B 428 3.15 -3.06 -10.32
N HIS B 429 2.08 -3.83 -10.22
CA HIS B 429 0.87 -3.37 -9.55
C HIS B 429 0.80 -3.65 -8.04
N TYR B 430 1.80 -4.35 -7.52
CA TYR B 430 1.84 -4.66 -6.10
C TYR B 430 1.79 -3.35 -5.31
N ARG B 431 0.93 -3.28 -4.30
CA ARG B 431 0.78 -2.05 -3.52
C ARG B 431 1.56 -1.95 -2.22
N TYR B 432 2.11 -3.06 -1.75
CA TYR B 432 2.87 -3.07 -0.49
C TYR B 432 2.00 -2.63 0.68
#